data_3OA0
#
_entry.id   3OA0
#
_cell.length_a   72.097
_cell.length_b   68.320
_cell.length_c   164.122
_cell.angle_alpha   90.00
_cell.angle_beta   94.51
_cell.angle_gamma   90.00
#
_symmetry.space_group_name_H-M   'P 1 21 1'
#
loop_
_entity.id
_entity.type
_entity.pdbx_description
1 polymer 'Lipopolysaccharide biosynthesis protein wbpB'
2 non-polymer NICOTINAMIDE-ADENINE-DINUCLEOTIDE
3 non-polymer '(2S,3S,4R,5R,6R)-5-acetamido-6-[[[(2R,3S,4R,5R)-5-(2,4-dioxopyrimidin-1-yl)-3,4-dihydroxy-oxolan-2-yl]methoxy-hydroxy-phosphoryl]oxy-hydroxy-phosphoryl]oxy-3,4-dihydroxy-oxane-2-carboxylic acid'
4 non-polymer 'CHLORIDE ION'
5 water water
#
_entity_poly.entity_id   1
_entity_poly.type   'polypeptide(L)'
_entity_poly.pdbx_seq_one_letter_code
;GHMTRFALTGLAGYIAPRHLKAIKEVGGVLVASLDPATNVGLVDSFFPEAEFFTEPEAFEAYLEDLRDRGEGVDYLSIAS
PNHLHYPQIRMALRLGANALSEKPLVLWPEEIARLKELEARTGRRVYTVLQLRVHPSLLALKERLGQEKGAKDVVLTYVT
GRGKWYGKSWKVDEAKSGGLATNIGIHFFDLLAWLFGRALHVEVHARTPTVNAGYLELEGARVRWFLSIDPSFVPEPLRR
QGKRTYRSIAVDGEEVEFSEGFTDLHTEVYRKTLAGEGFGLDEAAEAIRVAALLRTLPLSQPSPENRHPFLG
;
_entity_poly.pdbx_strand_id   A,B,C,D
#
# COMPACT_ATOMS: atom_id res chain seq x y z
N MET A 3 -23.83 -20.81 -18.34
CA MET A 3 -22.90 -20.62 -17.20
C MET A 3 -23.19 -19.28 -16.53
N THR A 4 -23.62 -19.30 -15.27
CA THR A 4 -23.72 -18.06 -14.50
C THR A 4 -22.33 -17.43 -14.49
N ARG A 5 -22.31 -16.12 -14.65
CA ARG A 5 -21.06 -15.37 -14.76
C ARG A 5 -20.80 -14.52 -13.51
N PHE A 6 -19.62 -14.75 -12.93
CA PHE A 6 -19.18 -14.13 -11.68
C PHE A 6 -17.96 -13.22 -11.87
N ALA A 7 -17.92 -12.18 -11.03
CA ALA A 7 -16.65 -11.51 -10.76
C ALA A 7 -16.39 -11.69 -9.26
N LEU A 8 -15.17 -11.43 -8.82
CA LEU A 8 -14.87 -11.65 -7.39
C LEU A 8 -13.93 -10.57 -6.81
N THR A 9 -14.21 -10.07 -5.61
CA THR A 9 -13.26 -9.22 -4.93
C THR A 9 -12.57 -9.99 -3.78
N GLY A 10 -11.35 -9.56 -3.44
CA GLY A 10 -10.56 -10.19 -2.37
C GLY A 10 -9.93 -11.52 -2.73
N LEU A 11 -9.64 -11.70 -4.02
CA LEU A 11 -8.99 -12.92 -4.58
C LEU A 11 -7.75 -13.45 -3.87
N ALA A 12 -6.93 -12.54 -3.35
CA ALA A 12 -5.69 -12.95 -2.66
C ALA A 12 -5.83 -13.35 -1.17
N GLY A 13 -7.07 -13.31 -0.66
CA GLY A 13 -7.29 -13.49 0.76
C GLY A 13 -7.47 -14.92 1.21
N TYR A 14 -7.61 -15.08 2.52
CA TYR A 14 -7.74 -16.40 3.12
C TYR A 14 -8.99 -17.17 2.68
N ILE A 15 -10.12 -16.51 2.54
CA ILE A 15 -11.34 -17.27 2.28
C ILE A 15 -11.61 -17.45 0.78
N ALA A 16 -11.01 -16.59 -0.04
CA ALA A 16 -11.32 -16.61 -1.49
C ALA A 16 -11.21 -18.00 -2.15
N PRO A 17 -10.29 -18.85 -1.72
CA PRO A 17 -10.31 -20.13 -2.46
C PRO A 17 -11.62 -20.90 -2.35
N ARG A 18 -12.33 -20.77 -1.23
CA ARG A 18 -13.57 -21.50 -1.13
C ARG A 18 -14.49 -20.89 -2.17
N HIS A 19 -14.34 -19.60 -2.49
CA HIS A 19 -15.27 -19.07 -3.47
C HIS A 19 -14.89 -19.60 -4.84
N LEU A 20 -13.60 -19.68 -5.15
CA LEU A 20 -13.21 -20.23 -6.46
C LEU A 20 -13.79 -21.64 -6.61
N LYS A 21 -13.66 -22.45 -5.56
CA LYS A 21 -14.15 -23.80 -5.62
C LYS A 21 -15.66 -23.86 -5.82
N ALA A 22 -16.37 -22.95 -5.18
CA ALA A 22 -17.83 -22.93 -5.26
C ALA A 22 -18.27 -22.51 -6.67
N ILE A 23 -17.69 -21.45 -7.19
CA ILE A 23 -17.96 -21.02 -8.55
C ILE A 23 -17.71 -22.15 -9.55
N LYS A 24 -16.63 -22.88 -9.36
CA LYS A 24 -16.35 -23.98 -10.24
C LYS A 24 -17.48 -24.99 -10.07
N GLU A 25 -17.62 -25.52 -8.85
CA GLU A 25 -18.53 -26.64 -8.59
C GLU A 25 -19.99 -26.35 -8.92
N VAL A 26 -20.43 -25.11 -8.94
CA VAL A 26 -21.76 -24.93 -9.50
C VAL A 26 -21.73 -24.72 -11.04
N GLY A 27 -20.65 -25.02 -11.75
CA GLY A 27 -20.61 -24.66 -13.18
C GLY A 27 -20.66 -23.19 -13.56
N GLY A 28 -20.17 -22.32 -12.68
CA GLY A 28 -20.15 -20.91 -13.02
C GLY A 28 -18.83 -20.68 -13.73
N VAL A 29 -18.61 -19.47 -14.23
CA VAL A 29 -17.33 -19.08 -14.76
C VAL A 29 -16.93 -17.75 -14.10
N LEU A 30 -15.68 -17.67 -13.67
CA LEU A 30 -15.16 -16.42 -13.14
C LEU A 30 -14.56 -15.60 -14.26
N VAL A 31 -15.09 -14.41 -14.48
CA VAL A 31 -14.78 -13.51 -15.59
C VAL A 31 -13.74 -12.45 -15.27
N ALA A 32 -13.76 -12.00 -14.01
CA ALA A 32 -12.79 -10.99 -13.55
C ALA A 32 -12.66 -11.02 -12.02
N SER A 33 -11.48 -10.65 -11.54
CA SER A 33 -11.23 -10.51 -10.09
C SER A 33 -10.62 -9.13 -9.75
N LEU A 34 -10.88 -8.67 -8.53
CA LEU A 34 -10.24 -7.44 -8.05
C LEU A 34 -9.55 -7.74 -6.70
N ASP A 35 -8.29 -7.29 -6.59
CA ASP A 35 -7.56 -7.36 -5.29
C ASP A 35 -6.32 -6.49 -5.42
N PRO A 36 -6.14 -5.49 -4.55
CA PRO A 36 -4.89 -4.76 -4.64
C PRO A 36 -3.63 -5.61 -4.39
N ALA A 37 -3.76 -6.84 -3.92
CA ALA A 37 -2.63 -7.71 -3.59
C ALA A 37 -2.62 -8.81 -4.67
N THR A 38 -1.45 -9.35 -4.99
CA THR A 38 -1.27 -10.04 -6.24
C THR A 38 -0.78 -11.50 -6.13
N ASN A 39 -0.63 -12.07 -4.93
CA ASN A 39 -0.53 -13.53 -4.84
C ASN A 39 -1.88 -14.20 -5.11
N VAL A 40 -2.29 -14.26 -6.38
CA VAL A 40 -3.63 -14.70 -6.72
C VAL A 40 -3.58 -15.81 -7.76
N GLY A 41 -2.42 -16.44 -7.90
CA GLY A 41 -2.10 -17.22 -9.08
C GLY A 41 -2.78 -18.57 -8.99
N LEU A 42 -3.29 -18.87 -7.80
CA LEU A 42 -4.12 -20.04 -7.60
C LEU A 42 -5.29 -19.94 -8.58
N VAL A 43 -5.70 -18.73 -8.94
CA VAL A 43 -6.79 -18.58 -9.90
C VAL A 43 -6.56 -19.30 -11.25
N ASP A 44 -5.29 -19.47 -11.64
CA ASP A 44 -4.98 -20.19 -12.89
C ASP A 44 -5.48 -21.66 -12.88
N SER A 45 -5.51 -22.31 -11.74
CA SER A 45 -6.05 -23.68 -11.66
C SER A 45 -7.56 -23.83 -11.85
N PHE A 46 -8.31 -22.72 -11.80
CA PHE A 46 -9.76 -22.77 -11.85
C PHE A 46 -10.22 -22.01 -13.09
N PHE A 47 -9.67 -20.84 -13.33
CA PHE A 47 -10.22 -20.00 -14.38
C PHE A 47 -9.10 -19.31 -15.12
N PRO A 48 -8.42 -20.06 -16.01
CA PRO A 48 -7.17 -19.61 -16.64
C PRO A 48 -7.36 -18.36 -17.49
N GLU A 49 -8.61 -18.03 -17.78
CA GLU A 49 -8.89 -16.88 -18.65
C GLU A 49 -9.32 -15.60 -17.94
N ALA A 50 -9.44 -15.66 -16.61
CA ALA A 50 -10.14 -14.57 -15.94
C ALA A 50 -9.32 -13.27 -16.03
N GLU A 51 -9.99 -12.12 -16.18
CA GLU A 51 -9.26 -10.88 -16.08
C GLU A 51 -8.95 -10.61 -14.60
N PHE A 52 -8.09 -9.63 -14.37
CA PHE A 52 -7.62 -9.36 -13.02
C PHE A 52 -7.25 -7.89 -12.92
N PHE A 53 -7.69 -7.28 -11.84
CA PHE A 53 -7.46 -5.85 -11.61
C PHE A 53 -6.98 -5.63 -10.17
N THR A 54 -6.29 -4.52 -10.00
CA THR A 54 -5.67 -4.19 -8.75
C THR A 54 -6.41 -2.90 -8.41
N GLU A 55 -6.99 -2.19 -9.39
CA GLU A 55 -7.69 -0.92 -9.11
C GLU A 55 -9.21 -1.00 -9.20
N PRO A 56 -9.92 -0.68 -8.11
CA PRO A 56 -11.37 -0.84 -8.14
C PRO A 56 -12.04 -0.12 -9.33
N GLU A 57 -11.63 1.08 -9.68
CA GLU A 57 -12.35 1.82 -10.74
C GLU A 57 -12.18 1.18 -12.12
N ALA A 58 -11.01 0.58 -12.34
CA ALA A 58 -10.65 -0.10 -13.58
C ALA A 58 -11.47 -1.39 -13.70
N PHE A 59 -11.65 -2.05 -12.56
CA PHE A 59 -12.45 -3.32 -12.49
C PHE A 59 -13.90 -2.95 -12.82
N GLU A 60 -14.35 -1.85 -12.23
CA GLU A 60 -15.74 -1.42 -12.43
C GLU A 60 -15.92 -1.04 -13.90
N ALA A 61 -14.97 -0.30 -14.46
CA ALA A 61 -15.13 0.20 -15.87
C ALA A 61 -15.22 -0.99 -16.81
N TYR A 62 -14.43 -1.99 -16.52
CA TYR A 62 -14.46 -3.20 -17.32
C TYR A 62 -15.77 -4.00 -17.25
N LEU A 63 -16.29 -4.22 -16.04
CA LEU A 63 -17.56 -4.94 -15.95
C LEU A 63 -18.67 -4.08 -16.52
N GLU A 64 -18.59 -2.75 -16.42
CA GLU A 64 -19.59 -1.90 -17.07
C GLU A 64 -19.55 -2.04 -18.59
N ASP A 65 -18.37 -2.30 -19.18
CA ASP A 65 -18.30 -2.47 -20.65
C ASP A 65 -18.90 -3.79 -21.00
N LEU A 66 -18.58 -4.78 -20.20
CA LEU A 66 -19.24 -6.05 -20.37
C LEU A 66 -20.76 -5.83 -20.33
N ARG A 67 -21.29 -5.20 -19.28
CA ARG A 67 -22.75 -4.97 -19.21
C ARG A 67 -23.24 -4.30 -20.49
N ASP A 68 -22.55 -3.23 -20.91
CA ASP A 68 -23.05 -2.37 -21.96
C ASP A 68 -23.10 -3.14 -23.28
N ARG A 69 -22.34 -4.22 -23.41
CA ARG A 69 -22.35 -4.93 -24.69
C ARG A 69 -22.92 -6.33 -24.51
N GLY A 70 -23.82 -6.46 -23.54
CA GLY A 70 -24.52 -7.72 -23.35
C GLY A 70 -23.77 -8.89 -22.75
N GLU A 71 -22.63 -8.68 -22.09
CA GLU A 71 -21.97 -9.84 -21.50
C GLU A 71 -21.68 -9.60 -20.01
N GLY A 72 -22.60 -8.97 -19.29
CA GLY A 72 -22.33 -8.59 -17.90
C GLY A 72 -22.22 -9.80 -17.00
N VAL A 73 -21.60 -9.64 -15.83
CA VAL A 73 -21.66 -10.73 -14.89
C VAL A 73 -23.06 -10.67 -14.24
N ASP A 74 -23.48 -11.87 -13.88
CA ASP A 74 -24.69 -12.13 -13.08
C ASP A 74 -24.49 -11.80 -11.59
N TYR A 75 -23.29 -12.10 -11.06
CA TYR A 75 -22.95 -11.93 -9.63
C TYR A 75 -21.55 -11.35 -9.38
N LEU A 76 -21.43 -10.35 -8.49
CA LEU A 76 -20.15 -9.99 -7.87
C LEU A 76 -20.04 -10.71 -6.52
N SER A 77 -19.19 -11.73 -6.39
CA SER A 77 -18.88 -12.36 -5.11
C SER A 77 -17.82 -11.58 -4.34
N ILE A 78 -18.05 -11.29 -3.04
CA ILE A 78 -17.32 -10.23 -2.33
C ILE A 78 -16.65 -10.82 -1.10
N ALA A 79 -15.32 -10.83 -1.15
CA ALA A 79 -14.55 -11.37 -0.04
C ALA A 79 -13.45 -10.43 0.38
N SER A 80 -13.74 -9.13 0.34
CA SER A 80 -12.83 -8.11 0.82
C SER A 80 -13.08 -7.87 2.31
N PRO A 81 -12.27 -6.98 2.93
CA PRO A 81 -12.47 -6.68 4.34
C PRO A 81 -13.90 -6.14 4.62
N ASN A 82 -14.35 -6.30 5.85
CA ASN A 82 -15.78 -6.08 6.18
C ASN A 82 -16.28 -4.71 5.82
N HIS A 83 -15.55 -3.64 6.14
CA HIS A 83 -16.06 -2.34 5.79
C HIS A 83 -16.22 -2.09 4.26
N LEU A 84 -15.64 -2.92 3.40
CA LEU A 84 -15.76 -2.71 1.94
C LEU A 84 -16.96 -3.49 1.37
N HIS A 85 -17.63 -4.24 2.24
CA HIS A 85 -18.79 -5.01 1.77
C HIS A 85 -19.86 -4.08 1.21
N TYR A 86 -20.27 -3.09 1.98
CA TYR A 86 -21.34 -2.22 1.54
C TYR A 86 -21.04 -1.47 0.23
N PRO A 87 -19.93 -0.74 0.16
CA PRO A 87 -19.70 -0.08 -1.15
C PRO A 87 -19.45 -1.03 -2.33
N GLN A 88 -18.92 -2.24 -2.11
CA GLN A 88 -18.79 -3.21 -3.18
C GLN A 88 -20.07 -3.91 -3.56
N ILE A 89 -21.01 -3.96 -2.63
CA ILE A 89 -22.34 -4.41 -2.97
C ILE A 89 -23.03 -3.32 -3.80
N ARG A 90 -22.89 -2.06 -3.39
CA ARG A 90 -23.41 -0.94 -4.15
C ARG A 90 -22.83 -0.98 -5.59
N MET A 91 -21.55 -1.33 -5.72
CA MET A 91 -20.94 -1.52 -7.05
CA MET A 91 -20.96 -1.51 -7.05
C MET A 91 -21.65 -2.66 -7.79
N ALA A 92 -21.83 -3.81 -7.14
CA ALA A 92 -22.51 -4.89 -7.85
C ALA A 92 -23.85 -4.45 -8.45
N LEU A 93 -24.61 -3.62 -7.72
CA LEU A 93 -25.99 -3.30 -8.11
C LEU A 93 -25.99 -2.24 -9.23
N ARG A 94 -25.16 -1.21 -9.10
CA ARG A 94 -25.01 -0.22 -10.14
C ARG A 94 -24.46 -0.80 -11.45
N LEU A 95 -23.88 -2.01 -11.41
CA LEU A 95 -23.37 -2.69 -12.59
C LEU A 95 -24.41 -3.65 -13.17
N GLY A 96 -25.62 -3.59 -12.60
CA GLY A 96 -26.67 -4.51 -12.97
C GLY A 96 -26.34 -5.91 -12.59
N ALA A 97 -25.74 -6.12 -11.42
CA ALA A 97 -25.43 -7.48 -11.04
C ALA A 97 -26.02 -7.78 -9.63
N ASN A 98 -26.20 -9.04 -9.26
CA ASN A 98 -26.56 -9.40 -7.86
C ASN A 98 -25.25 -9.53 -7.08
N ALA A 99 -25.33 -9.43 -5.75
CA ALA A 99 -24.14 -9.54 -4.91
C ALA A 99 -24.19 -10.79 -4.05
N LEU A 100 -23.05 -11.45 -3.89
CA LEU A 100 -22.95 -12.56 -2.95
C LEU A 100 -21.77 -12.32 -2.01
N SER A 101 -22.05 -11.69 -0.86
CA SER A 101 -21.04 -11.09 0.03
C SER A 101 -20.71 -11.94 1.22
N GLU A 102 -19.42 -12.00 1.57
CA GLU A 102 -19.08 -12.69 2.80
C GLU A 102 -19.80 -12.03 3.98
N LYS A 103 -19.94 -12.73 5.09
CA LYS A 103 -20.45 -12.07 6.28
C LYS A 103 -19.36 -11.21 6.94
N PRO A 104 -19.72 -10.19 7.73
CA PRO A 104 -21.09 -9.73 7.93
C PRO A 104 -21.46 -9.08 6.60
N LEU A 105 -22.70 -9.28 6.16
CA LEU A 105 -23.17 -8.67 4.91
C LEU A 105 -22.81 -7.22 4.78
N VAL A 106 -23.06 -6.42 5.82
CA VAL A 106 -22.55 -5.06 5.94
C VAL A 106 -22.34 -4.77 7.43
N LEU A 107 -21.85 -3.60 7.81
CA LEU A 107 -21.56 -3.44 9.22
C LEU A 107 -22.72 -2.81 9.98
N TRP A 108 -23.55 -2.01 9.29
CA TRP A 108 -24.59 -1.18 9.94
C TRP A 108 -26.03 -1.42 9.48
N PRO A 109 -26.98 -1.45 10.46
CA PRO A 109 -28.40 -1.53 10.10
C PRO A 109 -28.83 -0.53 9.00
N GLU A 110 -28.35 0.71 9.10
CA GLU A 110 -28.62 1.78 8.15
C GLU A 110 -28.19 1.44 6.73
N GLU A 111 -27.14 0.62 6.58
CA GLU A 111 -26.72 0.18 5.24
C GLU A 111 -27.66 -0.89 4.70
N ILE A 112 -28.13 -1.78 5.58
CA ILE A 112 -29.13 -2.78 5.17
C ILE A 112 -30.34 -2.05 4.55
N ALA A 113 -30.81 -0.98 5.18
CA ALA A 113 -31.99 -0.24 4.74
C ALA A 113 -31.78 0.40 3.36
N ARG A 114 -30.63 1.05 3.22
CA ARG A 114 -30.21 1.71 1.98
C ARG A 114 -30.19 0.69 0.86
N LEU A 115 -29.71 -0.52 1.13
CA LEU A 115 -29.64 -1.57 0.13
C LEU A 115 -30.98 -2.18 -0.24
N LYS A 116 -31.90 -2.17 0.72
CA LYS A 116 -33.29 -2.49 0.41
C LYS A 116 -33.88 -1.59 -0.68
N GLU A 117 -33.75 -0.28 -0.49
CA GLU A 117 -34.10 0.68 -1.52
C GLU A 117 -33.44 0.43 -2.87
N LEU A 118 -32.13 0.14 -2.90
CA LEU A 118 -31.42 0.04 -4.19
C LEU A 118 -31.71 -1.25 -4.93
N GLU A 119 -31.98 -2.32 -4.18
CA GLU A 119 -32.53 -3.51 -4.78
C GLU A 119 -33.81 -3.19 -5.57
N ALA A 120 -34.68 -2.38 -4.96
CA ALA A 120 -35.94 -2.01 -5.59
C ALA A 120 -35.56 -1.34 -6.91
N ARG A 121 -34.93 -0.18 -6.82
CA ARG A 121 -34.70 0.66 -7.99
C ARG A 121 -33.76 0.09 -9.05
N THR A 122 -33.21 -1.08 -8.82
CA THR A 122 -32.13 -1.61 -9.61
C THR A 122 -32.56 -2.96 -10.14
N GLY A 123 -33.60 -3.49 -9.50
CA GLY A 123 -34.01 -4.83 -9.90
C GLY A 123 -33.03 -5.95 -9.65
N ARG A 124 -32.10 -5.74 -8.73
CA ARG A 124 -31.11 -6.73 -8.40
C ARG A 124 -31.18 -7.08 -6.90
N ARG A 125 -30.57 -8.19 -6.50
CA ARG A 125 -30.70 -8.72 -5.13
C ARG A 125 -29.33 -8.85 -4.42
N VAL A 126 -29.34 -8.78 -3.09
CA VAL A 126 -28.12 -8.90 -2.27
C VAL A 126 -28.21 -10.16 -1.44
N TYR A 127 -27.24 -11.06 -1.56
CA TYR A 127 -27.22 -12.30 -0.82
C TYR A 127 -25.96 -12.34 0.04
N THR A 128 -25.92 -13.27 0.99
CA THR A 128 -24.76 -13.31 1.87
C THR A 128 -24.42 -14.77 2.15
N VAL A 129 -23.17 -15.07 2.47
CA VAL A 129 -22.70 -16.42 2.78
C VAL A 129 -22.86 -16.62 4.29
N LEU A 130 -23.82 -17.46 4.67
CA LEU A 130 -24.00 -17.74 6.09
C LEU A 130 -23.96 -19.25 6.09
N GLN A 131 -22.77 -19.85 6.14
CA GLN A 131 -22.73 -21.29 5.93
C GLN A 131 -23.19 -22.14 7.12
N LEU A 132 -23.26 -21.58 8.32
CA LEU A 132 -23.76 -22.37 9.46
C LEU A 132 -25.20 -22.76 9.19
N ARG A 133 -25.91 -21.96 8.42
CA ARG A 133 -27.30 -22.24 8.10
C ARG A 133 -27.49 -23.47 7.23
N VAL A 134 -26.43 -23.92 6.54
CA VAL A 134 -26.51 -25.12 5.72
C VAL A 134 -25.74 -26.33 6.28
N HIS A 135 -25.13 -26.14 7.46
CA HIS A 135 -24.49 -27.21 8.21
C HIS A 135 -25.56 -28.20 8.67
N PRO A 136 -25.42 -29.47 8.24
CA PRO A 136 -26.50 -30.46 8.40
C PRO A 136 -26.89 -30.73 9.85
N SER A 137 -25.93 -30.68 10.76
CA SER A 137 -26.27 -30.77 12.18
C SER A 137 -27.13 -29.58 12.65
N LEU A 138 -26.86 -28.38 12.14
CA LEU A 138 -27.54 -27.21 12.67
C LEU A 138 -28.91 -27.15 12.03
N LEU A 139 -29.04 -27.67 10.82
CA LEU A 139 -30.36 -27.80 10.21
C LEU A 139 -31.21 -28.80 11.01
N ALA A 140 -30.54 -29.83 11.49
CA ALA A 140 -31.17 -30.87 12.29
C ALA A 140 -31.59 -30.22 13.62
N LEU A 141 -30.66 -29.56 14.32
CA LEU A 141 -31.01 -28.78 15.51
C LEU A 141 -32.25 -27.90 15.31
N LYS A 142 -32.36 -27.21 14.19
CA LYS A 142 -33.52 -26.32 14.01
C LYS A 142 -34.87 -27.03 13.81
N GLU A 143 -34.88 -28.17 13.14
CA GLU A 143 -36.10 -28.97 13.02
C GLU A 143 -36.56 -29.49 14.39
N ARG A 144 -35.66 -30.07 15.17
CA ARG A 144 -36.03 -30.44 16.53
C ARG A 144 -36.69 -29.27 17.29
N LEU A 145 -35.93 -28.21 17.48
CA LEU A 145 -36.44 -27.03 18.19
C LEU A 145 -37.85 -26.67 17.71
N GLY A 146 -38.17 -27.05 16.48
CA GLY A 146 -39.49 -26.70 15.94
C GLY A 146 -40.58 -27.47 16.66
N GLN A 147 -40.22 -28.67 17.11
CA GLN A 147 -41.07 -29.58 17.89
C GLN A 147 -41.21 -29.22 19.37
N GLU A 148 -40.49 -28.21 19.84
CA GLU A 148 -40.42 -27.99 21.26
C GLU A 148 -41.07 -26.69 21.67
N LYS A 149 -41.60 -26.69 22.89
CA LYS A 149 -42.29 -25.52 23.40
C LYS A 149 -41.44 -24.81 24.46
N GLY A 150 -41.54 -23.49 24.58
CA GLY A 150 -40.74 -22.84 25.60
C GLY A 150 -39.42 -22.29 25.05
N ALA A 151 -38.97 -21.15 25.57
CA ALA A 151 -37.60 -20.64 25.33
C ALA A 151 -36.52 -21.62 25.78
N LYS A 152 -35.35 -21.60 25.15
CA LYS A 152 -34.25 -22.48 25.56
C LYS A 152 -33.23 -21.66 26.34
N ASP A 153 -32.52 -22.32 27.26
CA ASP A 153 -31.36 -21.66 27.88
C ASP A 153 -30.11 -22.15 27.16
N VAL A 154 -29.35 -21.22 26.62
CA VAL A 154 -28.24 -21.60 25.72
C VAL A 154 -26.96 -21.01 26.29
N VAL A 155 -25.89 -21.79 26.28
CA VAL A 155 -24.55 -21.29 26.52
C VAL A 155 -23.73 -21.45 25.23
N LEU A 156 -23.20 -20.34 24.74
CA LEU A 156 -22.47 -20.38 23.46
C LEU A 156 -21.03 -19.97 23.76
N THR A 157 -20.09 -20.80 23.32
CA THR A 157 -18.68 -20.46 23.56
C THR A 157 -17.92 -20.60 22.26
N TYR A 158 -17.17 -19.57 21.92
CA TYR A 158 -16.33 -19.73 20.77
C TYR A 158 -14.96 -19.10 20.98
N VAL A 159 -13.94 -19.95 20.92
CA VAL A 159 -12.56 -19.53 21.17
C VAL A 159 -11.76 -19.98 19.97
N THR A 160 -11.11 -19.05 19.29
CA THR A 160 -10.46 -19.41 18.04
C THR A 160 -9.12 -18.70 18.02
N GLY A 161 -8.09 -19.43 18.46
CA GLY A 161 -6.74 -18.89 18.66
C GLY A 161 -6.28 -18.26 17.34
N ARG A 162 -5.70 -17.08 17.42
CA ARG A 162 -5.11 -16.42 16.27
C ARG A 162 -3.65 -16.20 16.68
N GLY A 163 -2.65 -16.45 15.83
CA GLY A 163 -1.25 -16.08 16.16
C GLY A 163 -1.07 -14.59 16.04
N LYS A 164 0.17 -14.10 16.15
N LYS A 164 0.18 -14.12 16.09
CA LYS A 164 0.41 -12.64 16.17
CA LYS A 164 0.42 -12.69 16.19
C LYS A 164 0.06 -11.82 14.94
C LYS A 164 0.17 -11.83 14.94
N TRP A 165 0.04 -12.47 13.78
CA TRP A 165 -0.24 -11.72 12.58
C TRP A 165 -1.63 -11.08 12.72
N TYR A 166 -2.53 -11.73 13.45
CA TYR A 166 -3.94 -11.26 13.52
C TYR A 166 -3.99 -9.82 14.00
N GLY A 167 -3.15 -9.44 14.97
CA GLY A 167 -3.16 -8.06 15.50
C GLY A 167 -2.57 -6.98 14.62
N LYS A 168 -1.96 -7.42 13.52
CA LYS A 168 -1.42 -6.48 12.53
C LYS A 168 -2.41 -6.38 11.37
N SER A 169 -3.49 -7.17 11.37
CA SER A 169 -4.38 -7.13 10.21
C SER A 169 -5.61 -6.26 10.38
N TRP A 170 -6.30 -5.98 9.26
CA TRP A 170 -7.52 -5.16 9.32
C TRP A 170 -8.48 -5.75 10.32
N LYS A 171 -8.41 -7.05 10.56
CA LYS A 171 -9.38 -7.75 11.40
C LYS A 171 -9.47 -7.25 12.86
N VAL A 172 -8.45 -6.54 13.35
CA VAL A 172 -8.54 -5.95 14.70
C VAL A 172 -8.69 -4.44 14.58
N ASP A 173 -8.87 -3.92 13.37
CA ASP A 173 -9.10 -2.49 13.23
C ASP A 173 -10.61 -2.31 13.28
N GLU A 174 -11.12 -1.86 14.43
CA GLU A 174 -12.57 -1.72 14.62
C GLU A 174 -13.29 -1.05 13.43
N ALA A 175 -12.75 0.01 12.83
CA ALA A 175 -13.42 0.66 11.71
C ALA A 175 -13.45 -0.19 10.43
N LYS A 176 -12.64 -1.24 10.34
CA LYS A 176 -12.67 -2.08 9.16
C LYS A 176 -13.39 -3.39 9.46
N SER A 177 -13.31 -3.87 10.69
CA SER A 177 -13.79 -5.23 10.91
C SER A 177 -15.12 -5.21 11.68
N GLY A 178 -15.43 -4.06 12.30
CA GLY A 178 -16.58 -3.92 13.21
C GLY A 178 -16.31 -4.45 14.63
N GLY A 179 -15.09 -4.90 14.93
CA GLY A 179 -14.87 -5.41 16.28
C GLY A 179 -14.86 -6.93 16.36
N LEU A 180 -14.24 -7.45 17.40
CA LEU A 180 -14.19 -8.90 17.66
C LEU A 180 -15.54 -9.59 17.50
N ALA A 181 -16.54 -9.08 18.23
CA ALA A 181 -17.85 -9.69 18.23
C ALA A 181 -18.44 -9.79 16.82
N THR A 182 -18.23 -8.75 16.01
CA THR A 182 -18.64 -8.80 14.59
C THR A 182 -17.78 -9.84 13.87
N ASN A 183 -16.46 -9.64 13.91
CA ASN A 183 -15.64 -10.39 12.99
C ASN A 183 -15.51 -11.85 13.40
N ILE A 184 -15.34 -12.19 14.66
CA ILE A 184 -15.39 -13.62 14.88
C ILE A 184 -16.74 -14.14 15.39
N GLY A 185 -17.68 -13.23 15.65
CA GLY A 185 -18.98 -13.59 16.27
C GLY A 185 -20.18 -13.60 15.34
N ILE A 186 -20.13 -12.77 14.30
CA ILE A 186 -21.29 -12.58 13.47
C ILE A 186 -21.95 -13.90 13.12
N HIS A 187 -21.24 -14.97 12.85
CA HIS A 187 -21.94 -16.16 12.36
C HIS A 187 -22.76 -16.86 13.46
N PHE A 188 -22.32 -16.70 14.71
CA PHE A 188 -23.01 -17.29 15.86
C PHE A 188 -24.19 -16.41 16.20
N PHE A 189 -24.09 -15.10 16.10
CA PHE A 189 -25.27 -14.27 16.37
C PHE A 189 -26.26 -14.51 15.27
N ASP A 190 -25.76 -14.70 14.05
CA ASP A 190 -26.67 -15.07 12.97
C ASP A 190 -27.28 -16.44 13.22
N LEU A 191 -26.50 -17.41 13.65
CA LEU A 191 -27.08 -18.74 13.97
C LEU A 191 -28.16 -18.57 15.05
N LEU A 192 -27.92 -17.73 16.05
CA LEU A 192 -28.89 -17.54 17.12
C LEU A 192 -30.19 -16.91 16.64
N ALA A 193 -30.10 -15.87 15.81
CA ALA A 193 -31.28 -15.23 15.24
C ALA A 193 -32.07 -16.23 14.40
N TRP A 194 -31.34 -17.09 13.69
CA TRP A 194 -31.98 -18.00 12.77
C TRP A 194 -32.75 -18.98 13.63
N LEU A 195 -32.12 -19.50 14.67
CA LEU A 195 -32.80 -20.50 15.51
C LEU A 195 -33.80 -19.88 16.47
N PHE A 196 -33.55 -18.68 16.99
CA PHE A 196 -34.35 -18.26 18.13
C PHE A 196 -34.99 -16.88 17.98
N GLY A 197 -34.81 -16.22 16.84
CA GLY A 197 -35.53 -14.99 16.53
C GLY A 197 -34.87 -13.73 17.01
N ARG A 198 -35.68 -12.69 17.17
CA ARG A 198 -35.23 -11.36 17.48
C ARG A 198 -34.73 -11.14 18.91
N ALA A 199 -33.76 -10.24 19.09
CA ALA A 199 -33.18 -9.95 20.41
C ALA A 199 -33.99 -8.88 21.09
N LEU A 200 -34.61 -9.23 22.21
CA LEU A 200 -35.42 -8.26 22.94
C LEU A 200 -34.48 -7.49 23.84
N HIS A 201 -33.42 -8.13 24.30
CA HIS A 201 -32.51 -7.46 25.22
C HIS A 201 -31.07 -7.89 24.91
N VAL A 202 -30.16 -6.91 24.92
CA VAL A 202 -28.76 -7.18 24.66
C VAL A 202 -27.84 -6.60 25.73
N GLU A 203 -26.95 -7.41 26.30
CA GLU A 203 -25.96 -6.89 27.27
C GLU A 203 -24.56 -7.32 26.88
N VAL A 204 -23.60 -6.45 27.18
CA VAL A 204 -22.20 -6.75 26.92
C VAL A 204 -21.48 -6.72 28.27
N HIS A 205 -20.80 -7.80 28.63
CA HIS A 205 -20.23 -7.89 29.98
C HIS A 205 -18.71 -7.81 29.99
N ALA A 206 -18.08 -8.06 28.85
CA ALA A 206 -16.61 -7.95 28.78
C ALA A 206 -16.30 -7.57 27.36
N ARG A 207 -15.35 -6.65 27.20
CA ARG A 207 -15.05 -6.13 25.88
C ARG A 207 -13.61 -5.68 25.89
N THR A 208 -12.72 -6.60 25.56
CA THR A 208 -11.30 -6.29 25.54
C THR A 208 -10.79 -6.71 24.17
N PRO A 209 -9.49 -6.52 23.95
CA PRO A 209 -8.95 -6.86 22.64
C PRO A 209 -8.99 -8.36 22.39
N THR A 210 -9.07 -9.20 23.41
CA THR A 210 -9.12 -10.62 23.07
C THR A 210 -10.40 -11.38 23.48
N VAL A 211 -11.35 -10.72 24.12
CA VAL A 211 -12.50 -11.34 24.74
C VAL A 211 -13.72 -10.44 24.59
N ASN A 212 -14.84 -10.96 24.10
CA ASN A 212 -16.12 -10.21 24.17
C ASN A 212 -17.04 -11.25 24.79
N ALA A 213 -17.93 -10.82 25.68
CA ALA A 213 -18.85 -11.77 26.33
C ALA A 213 -20.11 -11.09 26.77
N GLY A 214 -21.23 -11.81 26.84
CA GLY A 214 -22.45 -11.12 27.27
C GLY A 214 -23.70 -11.99 27.35
N TYR A 215 -24.86 -11.36 27.21
CA TYR A 215 -26.12 -12.08 27.40
C TYR A 215 -27.12 -11.55 26.39
N LEU A 216 -27.88 -12.43 25.76
CA LEU A 216 -29.04 -12.03 24.96
C LEU A 216 -30.34 -12.66 25.44
N GLU A 217 -31.39 -11.88 25.39
CA GLU A 217 -32.73 -12.47 25.53
C GLU A 217 -33.33 -12.39 24.12
N LEU A 218 -33.56 -13.55 23.52
CA LEU A 218 -34.17 -13.56 22.18
C LEU A 218 -35.58 -14.12 22.35
N GLU A 219 -36.43 -13.98 21.35
CA GLU A 219 -37.78 -14.52 21.44
C GLU A 219 -37.79 -16.01 21.80
N GLY A 220 -36.81 -16.80 21.40
CA GLY A 220 -36.87 -18.24 21.71
C GLY A 220 -35.79 -18.72 22.64
N ALA A 221 -35.00 -17.81 23.22
CA ALA A 221 -33.88 -18.33 23.97
C ALA A 221 -33.27 -17.27 24.83
N ARG A 222 -32.72 -17.71 25.97
CA ARG A 222 -31.85 -16.87 26.77
C ARG A 222 -30.41 -17.33 26.55
N VAL A 223 -29.49 -16.43 26.18
CA VAL A 223 -28.19 -16.90 25.69
C VAL A 223 -27.09 -16.21 26.45
N ARG A 224 -26.23 -17.00 27.06
CA ARG A 224 -25.01 -16.45 27.62
C ARG A 224 -23.92 -16.76 26.62
N TRP A 225 -23.13 -15.78 26.22
CA TRP A 225 -22.17 -16.05 25.14
C TRP A 225 -20.79 -15.54 25.49
N PHE A 226 -19.76 -16.20 24.94
CA PHE A 226 -18.34 -15.85 25.22
C PHE A 226 -17.55 -16.11 23.95
N LEU A 227 -16.83 -15.08 23.50
CA LEU A 227 -16.05 -15.16 22.28
C LEU A 227 -14.64 -14.73 22.57
N SER A 228 -13.65 -15.50 22.09
CA SER A 228 -12.25 -15.14 22.34
C SER A 228 -11.29 -15.54 21.20
N ILE A 229 -10.30 -14.68 21.00
CA ILE A 229 -9.18 -15.05 20.16
C ILE A 229 -7.95 -15.48 20.97
N ASP A 230 -8.07 -15.59 22.28
CA ASP A 230 -6.95 -16.06 23.09
C ASP A 230 -7.07 -17.55 23.40
N PRO A 231 -6.23 -18.39 22.76
CA PRO A 231 -6.32 -19.85 22.77
C PRO A 231 -6.20 -20.50 24.15
N SER A 232 -5.93 -19.71 25.16
CA SER A 232 -5.86 -20.26 26.50
C SER A 232 -7.21 -20.29 27.23
N PHE A 233 -8.30 -19.85 26.57
CA PHE A 233 -9.65 -20.03 27.09
C PHE A 233 -10.18 -21.37 26.59
N VAL A 234 -9.38 -22.03 25.75
CA VAL A 234 -9.66 -23.41 25.38
C VAL A 234 -9.63 -24.23 26.66
N PRO A 235 -10.66 -25.08 26.88
CA PRO A 235 -10.71 -25.86 28.13
C PRO A 235 -9.49 -26.78 28.30
N GLU A 236 -8.91 -26.82 29.51
CA GLU A 236 -7.67 -27.55 29.72
C GLU A 236 -7.48 -28.99 29.18
N PRO A 237 -8.56 -29.80 29.12
CA PRO A 237 -8.43 -31.14 28.55
C PRO A 237 -8.06 -31.11 27.07
N LEU A 238 -8.54 -30.12 26.33
CA LEU A 238 -8.19 -29.98 24.92
C LEU A 238 -6.88 -29.16 24.75
N ARG A 239 -6.56 -28.30 25.72
CA ARG A 239 -5.43 -27.41 25.60
C ARG A 239 -4.11 -28.12 25.89
N ARG A 240 -4.13 -29.04 26.84
CA ARG A 240 -2.97 -29.87 27.14
C ARG A 240 -2.62 -30.70 25.91
N GLN A 241 -3.60 -30.86 25.01
CA GLN A 241 -3.40 -31.53 23.72
C GLN A 241 -2.89 -30.59 22.63
N GLY A 242 -2.59 -29.35 22.99
CA GLY A 242 -2.19 -28.36 22.02
C GLY A 242 -3.30 -27.93 21.08
N LYS A 243 -4.57 -28.17 21.42
CA LYS A 243 -5.69 -27.64 20.62
C LYS A 243 -5.84 -26.13 20.81
N ARG A 244 -6.21 -25.41 19.75
CA ARG A 244 -6.15 -23.95 19.63
CA ARG A 244 -6.19 -23.95 19.89
C ARG A 244 -7.54 -23.29 19.59
N THR A 245 -8.58 -24.10 19.49
CA THR A 245 -9.92 -23.59 19.32
C THR A 245 -10.87 -24.42 20.16
N TYR A 246 -12.15 -24.04 20.10
CA TYR A 246 -13.21 -24.66 20.88
C TYR A 246 -14.48 -23.87 20.55
N ARG A 247 -15.43 -24.59 19.95
CA ARG A 247 -16.81 -24.15 19.79
C ARG A 247 -17.65 -25.03 20.74
N SER A 248 -18.83 -24.53 21.14
CA SER A 248 -19.75 -25.31 21.96
C SER A 248 -20.98 -24.42 21.98
N ILE A 249 -22.07 -24.95 21.47
CA ILE A 249 -23.38 -24.40 21.77
C ILE A 249 -24.09 -25.49 22.57
N ALA A 250 -24.50 -25.18 23.80
CA ALA A 250 -25.32 -26.10 24.59
C ALA A 250 -26.71 -25.52 24.74
N VAL A 251 -27.71 -26.35 24.48
CA VAL A 251 -29.10 -25.93 24.50
C VAL A 251 -29.80 -26.76 25.60
N ASP A 252 -30.24 -26.06 26.63
CA ASP A 252 -30.74 -26.72 27.83
C ASP A 252 -29.78 -27.77 28.39
N GLY A 253 -28.54 -27.37 28.64
CA GLY A 253 -27.54 -28.23 29.26
C GLY A 253 -26.97 -29.30 28.35
N GLU A 254 -27.52 -29.44 27.14
CA GLU A 254 -27.05 -30.47 26.21
C GLU A 254 -26.21 -29.95 25.02
N GLU A 255 -25.05 -30.57 24.78
CA GLU A 255 -24.07 -30.03 23.87
C GLU A 255 -24.63 -30.13 22.47
N VAL A 256 -24.37 -29.16 21.60
CA VAL A 256 -24.86 -29.40 20.24
C VAL A 256 -23.68 -29.75 19.36
N GLU A 257 -23.77 -30.97 18.83
CA GLU A 257 -22.65 -31.57 18.13
C GLU A 257 -22.83 -31.24 16.67
N PHE A 258 -22.02 -30.29 16.21
CA PHE A 258 -21.82 -30.01 14.80
C PHE A 258 -20.31 -30.11 14.57
N SER A 259 -19.96 -30.91 13.58
CA SER A 259 -18.58 -31.23 13.25
C SER A 259 -17.85 -30.18 12.42
N GLU A 260 -16.53 -30.10 12.62
CA GLU A 260 -15.57 -29.32 11.82
C GLU A 260 -15.44 -29.80 10.37
N GLY A 261 -15.62 -31.11 10.16
CA GLY A 261 -15.23 -31.78 8.93
C GLY A 261 -15.78 -31.24 7.62
N PHE A 262 -16.70 -30.29 7.72
CA PHE A 262 -17.42 -29.92 6.51
C PHE A 262 -16.64 -29.01 5.56
N THR A 263 -16.59 -29.47 4.31
CA THR A 263 -15.68 -28.98 3.28
C THR A 263 -16.46 -28.19 2.21
N ASP A 264 -17.76 -28.41 2.20
CA ASP A 264 -18.61 -28.09 1.08
C ASP A 264 -19.58 -26.93 1.32
N LEU A 265 -19.51 -26.27 2.47
CA LEU A 265 -20.61 -25.39 2.88
C LEU A 265 -20.67 -24.14 2.00
N HIS A 266 -19.53 -23.53 1.65
CA HIS A 266 -19.59 -22.43 0.69
C HIS A 266 -20.28 -22.89 -0.58
N THR A 267 -19.91 -24.06 -1.08
CA THR A 267 -20.58 -24.52 -2.30
C THR A 267 -22.10 -24.62 -2.09
N GLU A 268 -22.51 -25.27 -1.01
CA GLU A 268 -23.95 -25.35 -0.73
C GLU A 268 -24.60 -23.97 -0.70
N VAL A 269 -23.96 -22.98 -0.09
CA VAL A 269 -24.56 -21.64 -0.10
C VAL A 269 -24.77 -21.08 -1.52
N TYR A 270 -23.79 -21.36 -2.38
CA TYR A 270 -23.78 -20.80 -3.74
C TYR A 270 -24.91 -21.51 -4.49
N ARG A 271 -24.98 -22.80 -4.28
CA ARG A 271 -26.07 -23.60 -4.84
C ARG A 271 -27.45 -23.06 -4.43
N LYS A 272 -27.67 -22.89 -3.14
CA LYS A 272 -28.95 -22.35 -2.70
C LYS A 272 -29.24 -21.00 -3.36
N THR A 273 -28.20 -20.18 -3.51
CA THR A 273 -28.40 -18.80 -3.89
C THR A 273 -28.88 -18.77 -5.34
N LEU A 274 -28.34 -19.66 -6.15
CA LEU A 274 -28.62 -19.64 -7.58
C LEU A 274 -30.00 -20.21 -7.82
N ALA A 275 -30.49 -20.99 -6.87
CA ALA A 275 -31.77 -21.66 -7.02
C ALA A 275 -32.85 -20.81 -6.44
N GLY A 276 -32.55 -19.55 -6.19
CA GLY A 276 -33.49 -18.66 -5.52
C GLY A 276 -33.79 -18.90 -4.04
N GLU A 277 -33.03 -19.74 -3.35
CA GLU A 277 -33.10 -19.89 -1.88
C GLU A 277 -31.98 -19.25 -1.06
N GLY A 278 -31.44 -18.11 -1.49
CA GLY A 278 -30.24 -17.58 -0.80
C GLY A 278 -30.60 -16.68 0.37
N PHE A 279 -29.62 -16.30 1.18
CA PHE A 279 -29.92 -15.48 2.31
C PHE A 279 -29.81 -14.04 1.94
N GLY A 280 -30.96 -13.35 1.95
CA GLY A 280 -31.02 -11.94 1.60
C GLY A 280 -30.94 -10.98 2.77
N LEU A 281 -31.24 -9.72 2.47
CA LEU A 281 -31.16 -8.63 3.40
C LEU A 281 -32.05 -8.93 4.59
N ASP A 282 -33.22 -9.52 4.35
CA ASP A 282 -34.17 -9.71 5.45
C ASP A 282 -33.66 -10.77 6.42
N GLU A 283 -33.08 -11.84 5.86
CA GLU A 283 -32.47 -12.92 6.64
C GLU A 283 -31.25 -12.50 7.45
N ALA A 284 -30.44 -11.61 6.89
CA ALA A 284 -29.17 -11.13 7.44
C ALA A 284 -29.33 -10.04 8.48
N ALA A 285 -30.41 -9.27 8.39
CA ALA A 285 -30.49 -8.02 9.14
C ALA A 285 -30.42 -8.15 10.65
N GLU A 286 -31.08 -9.15 11.21
CA GLU A 286 -31.15 -9.20 12.65
C GLU A 286 -29.73 -9.38 13.25
N ALA A 287 -28.90 -10.31 12.74
CA ALA A 287 -27.54 -10.44 13.31
C ALA A 287 -26.74 -9.15 13.23
N ILE A 288 -26.90 -8.45 12.11
CA ILE A 288 -26.18 -7.18 11.90
C ILE A 288 -26.65 -6.17 12.95
N ARG A 289 -27.95 -6.17 13.23
CA ARG A 289 -28.46 -5.20 14.20
C ARG A 289 -27.87 -5.53 15.56
N VAL A 290 -27.86 -6.80 15.95
CA VAL A 290 -27.28 -7.19 17.24
C VAL A 290 -25.78 -6.83 17.29
N ALA A 291 -25.04 -7.17 16.24
CA ALA A 291 -23.60 -6.86 16.21
C ALA A 291 -23.30 -5.37 16.35
N ALA A 292 -24.06 -4.55 15.64
CA ALA A 292 -23.94 -3.12 15.80
C ALA A 292 -24.21 -2.66 17.24
N LEU A 293 -25.19 -3.24 17.95
CA LEU A 293 -25.44 -2.90 19.35
C LEU A 293 -24.26 -3.32 20.21
N LEU A 294 -23.73 -4.52 19.95
CA LEU A 294 -22.66 -5.09 20.76
C LEU A 294 -21.40 -4.25 20.67
N ARG A 295 -21.33 -3.57 19.53
CA ARG A 295 -20.14 -2.84 19.14
C ARG A 295 -20.19 -1.50 19.81
N THR A 296 -21.38 -0.99 20.12
CA THR A 296 -21.61 0.39 20.59
C THR A 296 -22.20 0.51 22.03
N LEU A 297 -22.96 -0.49 22.51
CA LEU A 297 -23.50 -0.52 23.90
C LEU A 297 -22.47 -0.38 25.03
N PRO A 298 -22.79 0.39 26.08
CA PRO A 298 -21.88 0.43 27.22
C PRO A 298 -21.87 -0.89 27.96
N LEU A 299 -20.75 -1.24 28.58
CA LEU A 299 -20.67 -2.46 29.36
C LEU A 299 -21.70 -2.38 30.48
N SER A 300 -22.21 -3.54 30.87
CA SER A 300 -23.03 -3.61 32.07
C SER A 300 -22.55 -4.75 32.97
N GLN A 301 -22.93 -4.68 34.23
CA GLN A 301 -22.49 -5.65 35.22
C GLN A 301 -23.46 -6.82 35.16
N PRO A 302 -22.97 -8.06 34.95
CA PRO A 302 -23.97 -9.13 34.77
C PRO A 302 -24.58 -9.62 36.07
N SER A 303 -25.87 -9.93 36.06
CA SER A 303 -26.45 -10.68 37.17
C SER A 303 -25.84 -12.08 37.17
N PRO A 304 -25.96 -12.81 38.29
CA PRO A 304 -25.37 -14.14 38.25
C PRO A 304 -26.07 -15.05 37.23
N GLU A 305 -27.39 -14.94 37.06
CA GLU A 305 -28.04 -15.81 36.10
C GLU A 305 -27.48 -15.58 34.70
N ASN A 306 -26.97 -14.39 34.42
CA ASN A 306 -26.69 -13.89 33.07
C ASN A 306 -25.23 -13.95 32.64
N ARG A 307 -24.35 -14.29 33.58
CA ARG A 307 -22.92 -14.31 33.38
C ARG A 307 -22.45 -15.61 32.75
N HIS A 308 -21.80 -15.59 31.59
CA HIS A 308 -21.14 -16.79 31.04
C HIS A 308 -20.16 -17.45 32.03
N PRO A 309 -20.16 -18.79 32.13
CA PRO A 309 -19.22 -19.45 33.02
C PRO A 309 -17.72 -19.10 32.83
N PHE A 310 -17.24 -18.80 31.63
CA PHE A 310 -15.81 -18.49 31.47
C PHE A 310 -15.51 -17.10 32.03
N LEU A 311 -16.55 -16.31 32.28
CA LEU A 311 -16.31 -14.99 32.84
C LEU A 311 -15.90 -15.23 34.30
N GLY A 312 -16.08 -16.46 34.75
CA GLY A 312 -15.78 -16.85 36.13
C GLY A 312 -17.07 -16.57 36.87
N MET B 3 17.97 -27.13 17.46
CA MET B 3 16.73 -26.68 16.77
C MET B 3 16.97 -25.34 16.06
N THR B 4 17.22 -25.40 14.76
CA THR B 4 17.61 -24.20 14.03
C THR B 4 16.47 -23.18 13.97
N ARG B 5 16.84 -21.95 14.27
CA ARG B 5 15.96 -20.78 14.39
C ARG B 5 15.91 -19.96 13.11
N PHE B 6 14.71 -19.79 12.56
CA PHE B 6 14.54 -19.05 11.33
C PHE B 6 13.66 -17.83 11.55
N ALA B 7 13.93 -16.78 10.79
CA ALA B 7 12.87 -15.82 10.48
C ALA B 7 12.60 -15.92 8.94
N LEU B 8 11.52 -15.32 8.45
CA LEU B 8 11.10 -15.44 7.02
C LEU B 8 10.47 -14.15 6.46
N THR B 9 10.88 -13.67 5.30
CA THR B 9 10.23 -12.49 4.71
C THR B 9 9.36 -12.97 3.52
N GLY B 10 8.22 -12.32 3.29
CA GLY B 10 7.30 -12.67 2.16
C GLY B 10 6.36 -13.82 2.46
N LEU B 11 6.02 -13.97 3.73
CA LEU B 11 5.11 -15.00 4.23
C LEU B 11 3.75 -15.12 3.52
N ALA B 12 3.19 -14.00 3.05
CA ALA B 12 1.86 -14.03 2.41
C ALA B 12 1.95 -14.45 0.94
N GLY B 13 3.17 -14.71 0.47
CA GLY B 13 3.37 -14.83 -0.97
C GLY B 13 3.10 -16.21 -1.50
N TYR B 14 3.27 -16.41 -2.79
CA TYR B 14 3.03 -17.70 -3.42
C TYR B 14 4.02 -18.80 -2.98
N ILE B 15 5.30 -18.49 -2.90
CA ILE B 15 6.23 -19.59 -2.56
C ILE B 15 6.44 -19.82 -1.06
N ALA B 16 6.14 -18.84 -0.20
CA ALA B 16 6.28 -19.03 1.25
C ALA B 16 5.82 -20.38 1.78
N PRO B 17 4.65 -20.88 1.37
CA PRO B 17 4.30 -22.15 2.02
C PRO B 17 5.35 -23.24 1.89
N ARG B 18 6.11 -23.28 0.81
CA ARG B 18 7.10 -24.36 0.73
C ARG B 18 8.21 -24.04 1.71
N HIS B 19 8.42 -22.76 2.04
CA HIS B 19 9.46 -22.49 3.04
C HIS B 19 8.95 -22.93 4.42
N LEU B 20 7.68 -22.69 4.73
CA LEU B 20 7.16 -23.11 6.04
C LEU B 20 7.28 -24.63 6.22
N LYS B 21 7.03 -25.40 5.17
CA LYS B 21 7.24 -26.85 5.19
C LYS B 21 8.68 -27.30 5.37
N ALA B 22 9.61 -26.64 4.67
CA ALA B 22 11.03 -26.95 4.89
C ALA B 22 11.54 -26.64 6.29
N ILE B 23 11.04 -25.58 6.90
CA ILE B 23 11.46 -25.24 8.26
C ILE B 23 10.93 -26.29 9.23
N LYS B 24 9.68 -26.67 9.03
CA LYS B 24 9.15 -27.72 9.86
C LYS B 24 9.97 -28.99 9.64
N GLU B 25 10.01 -29.48 8.39
CA GLU B 25 10.62 -30.79 8.08
C GLU B 25 12.10 -30.97 8.42
N VAL B 26 12.85 -29.87 8.47
CA VAL B 26 14.22 -29.91 8.93
C VAL B 26 14.18 -29.73 10.45
N GLY B 27 12.99 -29.78 11.05
CA GLY B 27 12.88 -29.51 12.49
C GLY B 27 13.47 -28.20 12.96
N GLY B 28 13.22 -27.11 12.24
CA GLY B 28 13.64 -25.80 12.74
C GLY B 28 12.37 -25.23 13.36
N VAL B 29 12.45 -24.01 13.90
CA VAL B 29 11.31 -23.28 14.40
C VAL B 29 11.35 -21.89 13.74
N LEU B 30 10.18 -21.40 13.32
CA LEU B 30 10.04 -20.07 12.78
C LEU B 30 9.77 -19.10 13.91
N VAL B 31 10.72 -18.22 14.14
CA VAL B 31 10.63 -17.25 15.25
C VAL B 31 9.86 -15.99 14.87
N ALA B 32 9.99 -15.52 13.63
CA ALA B 32 9.32 -14.28 13.23
C ALA B 32 9.22 -14.19 11.69
N SER B 33 8.15 -13.53 11.20
CA SER B 33 7.92 -13.31 9.76
C SER B 33 7.70 -11.81 9.46
N LEU B 34 8.00 -11.34 8.24
CA LEU B 34 7.70 -9.98 7.84
C LEU B 34 6.92 -10.04 6.54
N ASP B 35 5.88 -9.24 6.39
CA ASP B 35 5.25 -9.10 5.06
C ASP B 35 4.28 -7.96 5.25
N PRO B 36 4.35 -6.93 4.39
CA PRO B 36 3.31 -5.92 4.48
C PRO B 36 1.91 -6.46 4.17
N ALA B 37 1.73 -7.67 3.63
CA ALA B 37 0.40 -8.14 3.23
C ALA B 37 0.03 -9.12 4.34
N THR B 38 -1.24 -9.34 4.65
CA THR B 38 -1.53 -10.06 5.87
C THR B 38 -2.37 -11.33 5.78
N ASN B 39 -2.71 -11.81 4.59
CA ASN B 39 -3.21 -13.21 4.47
C ASN B 39 -2.07 -14.18 4.77
N VAL B 40 -1.75 -14.40 6.05
CA VAL B 40 -0.60 -15.22 6.46
C VAL B 40 -1.00 -16.30 7.46
N GLY B 41 -2.28 -16.37 7.78
CA GLY B 41 -2.75 -17.23 8.87
C GLY B 41 -2.38 -18.69 8.68
N LEU B 42 -2.10 -19.13 7.46
CA LEU B 42 -1.54 -20.47 7.31
C LEU B 42 -0.37 -20.74 8.25
N VAL B 43 0.35 -19.69 8.62
CA VAL B 43 1.48 -19.88 9.52
C VAL B 43 1.08 -20.53 10.83
N ASP B 44 -0.15 -20.27 11.28
CA ASP B 44 -0.61 -20.88 12.54
C ASP B 44 -0.50 -22.40 12.50
N SER B 45 -0.74 -22.99 11.33
CA SER B 45 -0.73 -24.45 11.20
C SER B 45 0.67 -24.99 11.37
N PHE B 46 1.67 -24.12 11.31
CA PHE B 46 3.03 -24.61 11.44
C PHE B 46 3.68 -24.14 12.70
N PHE B 47 3.55 -22.84 12.98
CA PHE B 47 4.33 -22.16 14.02
C PHE B 47 3.42 -21.14 14.73
N PRO B 48 2.59 -21.64 15.65
CA PRO B 48 1.48 -20.86 16.20
C PRO B 48 1.97 -19.80 17.19
N GLU B 49 3.26 -19.80 17.52
CA GLU B 49 3.82 -18.71 18.35
C GLU B 49 4.66 -17.68 17.62
N ALA B 50 4.83 -17.76 16.30
CA ALA B 50 5.81 -16.93 15.62
C ALA B 50 5.41 -15.47 15.72
N GLU B 51 6.34 -14.53 15.89
CA GLU B 51 5.94 -13.14 15.75
C GLU B 51 5.70 -12.73 14.29
N PHE B 52 5.08 -11.58 14.13
CA PHE B 52 4.74 -11.11 12.78
C PHE B 52 4.76 -9.60 12.70
N PHE B 53 5.32 -9.11 11.61
CA PHE B 53 5.52 -7.70 11.39
C PHE B 53 5.09 -7.35 9.96
N THR B 54 4.61 -6.14 9.78
CA THR B 54 4.36 -5.66 8.45
C THR B 54 5.42 -4.61 8.22
N GLU B 55 6.16 -4.17 9.24
CA GLU B 55 7.15 -3.09 9.01
C GLU B 55 8.58 -3.59 9.15
N PRO B 56 9.39 -3.49 8.09
CA PRO B 56 10.70 -4.11 8.07
C PRO B 56 11.58 -3.57 9.20
N GLU B 57 11.48 -2.28 9.53
CA GLU B 57 12.34 -1.69 10.57
C GLU B 57 12.04 -2.32 11.94
N ALA B 58 10.78 -2.68 12.15
CA ALA B 58 10.29 -3.21 13.42
C ALA B 58 10.66 -4.68 13.51
N PHE B 59 10.54 -5.39 12.38
CA PHE B 59 11.04 -6.78 12.29
C PHE B 59 12.56 -6.81 12.62
N GLU B 60 13.29 -5.89 12.03
CA GLU B 60 14.72 -5.83 12.23
C GLU B 60 15.05 -5.53 13.70
N ALA B 61 14.38 -4.56 14.34
CA ALA B 61 14.68 -4.23 15.75
C ALA B 61 14.34 -5.40 16.68
N TYR B 62 13.29 -6.13 16.35
CA TYR B 62 12.99 -7.33 17.10
C TYR B 62 14.06 -8.42 17.01
N LEU B 63 14.51 -8.69 15.79
CA LEU B 63 15.55 -9.72 15.57
C LEU B 63 16.86 -9.27 16.24
N GLU B 64 17.13 -7.97 16.16
CA GLU B 64 18.34 -7.42 16.78
C GLU B 64 18.22 -7.60 18.30
N ASP B 65 17.05 -7.29 18.87
CA ASP B 65 16.89 -7.53 20.31
C ASP B 65 17.18 -8.97 20.68
N LEU B 66 16.61 -9.89 19.91
CA LEU B 66 16.86 -11.31 20.19
C LEU B 66 18.35 -11.61 20.13
N ARG B 67 19.00 -11.11 19.09
CA ARG B 67 20.43 -11.39 18.93
C ARG B 67 21.18 -10.84 20.15
N ASP B 68 20.92 -9.59 20.51
CA ASP B 68 21.61 -8.94 21.63
C ASP B 68 21.43 -9.68 22.96
N ARG B 69 20.27 -10.28 23.16
CA ARG B 69 20.04 -11.07 24.39
C ARG B 69 20.30 -12.56 24.18
N GLY B 70 21.16 -12.89 23.22
CA GLY B 70 21.56 -14.28 23.01
C GLY B 70 20.55 -15.21 22.39
N GLU B 71 19.50 -14.73 21.73
CA GLU B 71 18.47 -15.67 21.25
C GLU B 71 18.20 -15.51 19.73
N GLY B 72 19.20 -15.01 19.01
CA GLY B 72 19.01 -14.49 17.65
C GLY B 72 18.67 -15.61 16.70
N VAL B 73 18.08 -15.32 15.54
CA VAL B 73 17.88 -16.42 14.61
C VAL B 73 19.18 -16.82 13.92
N ASP B 74 19.23 -18.08 13.50
CA ASP B 74 20.29 -18.71 12.70
C ASP B 74 20.20 -18.37 11.19
N TYR B 75 18.98 -18.38 10.65
CA TYR B 75 18.67 -18.06 9.25
C TYR B 75 17.56 -17.02 9.01
N LEU B 76 17.77 -16.16 8.02
CA LEU B 76 16.66 -15.36 7.49
C LEU B 76 16.31 -15.97 6.11
N SER B 77 15.18 -16.65 5.99
CA SER B 77 14.72 -17.15 4.70
C SER B 77 13.96 -16.07 3.97
N ILE B 78 14.27 -15.86 2.69
CA ILE B 78 13.85 -14.65 2.02
C ILE B 78 13.03 -15.00 0.80
N ALA B 79 11.75 -14.64 0.86
CA ALA B 79 10.89 -14.91 -0.28
C ALA B 79 10.14 -13.66 -0.69
N SER B 80 10.78 -12.49 -0.64
CA SER B 80 10.13 -11.29 -1.09
C SER B 80 10.40 -11.03 -2.58
N PRO B 81 9.88 -9.94 -3.16
CA PRO B 81 10.14 -9.73 -4.59
C PRO B 81 11.68 -9.59 -4.82
N ASN B 82 12.12 -9.87 -6.04
CA ASN B 82 13.57 -10.03 -6.38
C ASN B 82 14.42 -8.82 -6.03
N HIS B 83 13.97 -7.60 -6.31
CA HIS B 83 14.82 -6.45 -5.96
C HIS B 83 15.10 -6.24 -4.45
N LEU B 84 14.31 -6.85 -3.59
CA LEU B 84 14.54 -6.72 -2.14
C LEU B 84 15.40 -7.88 -1.63
N HIS B 85 15.75 -8.83 -2.51
CA HIS B 85 16.58 -9.95 -1.98
C HIS B 85 17.87 -9.32 -1.42
N TYR B 86 18.55 -8.54 -2.23
CA TYR B 86 19.81 -8.05 -1.73
C TYR B 86 19.74 -7.23 -0.43
N PRO B 87 18.81 -6.27 -0.30
CA PRO B 87 18.90 -5.53 0.97
C PRO B 87 18.41 -6.35 2.15
N GLN B 88 17.53 -7.34 1.92
CA GLN B 88 17.20 -8.26 3.02
C GLN B 88 18.28 -9.29 3.39
N ILE B 89 19.17 -9.57 2.45
CA ILE B 89 20.32 -10.45 2.76
C ILE B 89 21.27 -9.55 3.60
N ARG B 90 21.43 -8.28 3.20
CA ARG B 90 22.27 -7.42 4.01
C ARG B 90 21.73 -7.33 5.45
N MET B 91 20.41 -7.21 5.60
CA MET B 91 19.80 -7.20 6.93
C MET B 91 20.14 -8.49 7.65
N ALA B 92 19.95 -9.64 6.97
CA ALA B 92 20.32 -10.91 7.56
C ALA B 92 21.74 -10.89 8.14
N LEU B 93 22.71 -10.45 7.36
CA LEU B 93 24.08 -10.60 7.85
C LEU B 93 24.28 -9.65 9.03
N ARG B 94 23.76 -8.43 8.87
CA ARG B 94 23.98 -7.41 9.90
C ARG B 94 23.33 -7.83 11.22
N LEU B 95 22.31 -8.68 11.12
CA LEU B 95 21.67 -9.35 12.28
C LEU B 95 22.35 -10.67 12.78
N GLY B 96 23.47 -11.15 12.22
CA GLY B 96 24.02 -12.44 12.69
C GLY B 96 23.27 -13.65 12.21
N ALA B 97 22.58 -13.54 11.08
CA ALA B 97 21.91 -14.73 10.60
C ALA B 97 22.56 -15.04 9.25
N ASN B 98 22.65 -16.31 8.88
CA ASN B 98 22.91 -16.63 7.48
C ASN B 98 21.65 -16.27 6.69
N ALA B 99 21.79 -16.03 5.39
CA ALA B 99 20.65 -15.77 4.51
C ALA B 99 20.38 -16.95 3.62
N LEU B 100 19.11 -17.29 3.52
CA LEU B 100 18.67 -18.35 2.61
C LEU B 100 17.59 -17.77 1.70
N SER B 101 17.99 -17.33 0.51
CA SER B 101 17.18 -16.44 -0.31
C SER B 101 16.66 -17.13 -1.55
N GLU B 102 15.45 -16.78 -1.97
CA GLU B 102 14.85 -17.39 -3.14
C GLU B 102 15.71 -16.94 -4.31
N LYS B 103 15.68 -17.65 -5.42
CA LYS B 103 16.32 -17.10 -6.62
C LYS B 103 15.52 -15.90 -7.18
N PRO B 104 16.16 -15.02 -7.97
CA PRO B 104 17.59 -14.88 -8.25
C PRO B 104 18.20 -14.38 -6.93
N LEU B 105 19.28 -15.01 -6.52
CA LEU B 105 19.94 -14.60 -5.27
C LEU B 105 19.97 -13.09 -5.13
N VAL B 106 20.48 -12.42 -6.15
CA VAL B 106 20.38 -10.95 -6.26
C VAL B 106 20.22 -10.61 -7.74
N LEU B 107 20.03 -9.34 -8.07
CA LEU B 107 19.85 -8.95 -9.48
C LEU B 107 21.12 -8.57 -10.23
N TRP B 108 22.17 -8.15 -9.53
CA TRP B 108 23.34 -7.59 -10.22
C TRP B 108 24.66 -8.20 -9.72
N PRO B 109 25.59 -8.45 -10.66
CA PRO B 109 26.86 -9.02 -10.20
C PRO B 109 27.61 -8.12 -9.20
N GLU B 110 27.49 -6.80 -9.31
CA GLU B 110 28.16 -5.91 -8.34
C GLU B 110 27.60 -6.22 -6.95
N GLU B 111 26.37 -6.72 -6.87
CA GLU B 111 25.86 -6.98 -5.55
C GLU B 111 26.43 -8.25 -4.97
N ILE B 112 26.55 -9.28 -5.81
CA ILE B 112 27.29 -10.50 -5.45
C ILE B 112 28.62 -10.19 -4.76
N ALA B 113 29.37 -9.23 -5.31
CA ALA B 113 30.73 -8.93 -4.84
C ALA B 113 30.75 -8.20 -3.48
N ARG B 114 29.86 -7.25 -3.31
CA ARG B 114 29.56 -6.72 -1.97
C ARG B 114 29.17 -7.78 -0.93
N LEU B 115 28.31 -8.73 -1.26
CA LEU B 115 27.99 -9.74 -0.27
C LEU B 115 29.20 -10.60 0.06
N LYS B 116 30.08 -10.82 -0.91
CA LYS B 116 31.31 -11.55 -0.58
C LYS B 116 32.11 -10.85 0.50
N GLU B 117 32.36 -9.55 0.41
CA GLU B 117 33.09 -8.89 1.47
C GLU B 117 32.35 -9.09 2.79
N LEU B 118 31.04 -8.86 2.78
CA LEU B 118 30.30 -8.78 4.05
C LEU B 118 30.23 -10.08 4.79
N GLU B 119 30.15 -11.17 4.05
CA GLU B 119 30.25 -12.46 4.67
C GLU B 119 31.47 -12.52 5.60
N ALA B 120 32.56 -11.96 5.12
CA ALA B 120 33.84 -11.97 5.82
C ALA B 120 33.81 -11.16 7.13
N ARG B 121 33.08 -10.04 7.09
CA ARG B 121 33.01 -9.09 8.21
CA ARG B 121 33.04 -9.12 8.22
C ARG B 121 31.88 -9.42 9.17
N THR B 122 31.08 -10.43 8.87
CA THR B 122 29.91 -10.67 9.70
C THR B 122 29.91 -12.12 10.14
N GLY B 123 30.86 -12.89 9.59
CA GLY B 123 30.91 -14.32 9.91
C GLY B 123 29.67 -15.12 9.55
N ARG B 124 28.92 -14.70 8.55
CA ARG B 124 27.80 -15.59 8.20
C ARG B 124 27.73 -15.67 6.64
N ARG B 125 26.87 -16.56 6.16
CA ARG B 125 26.91 -17.02 4.77
C ARG B 125 25.55 -16.70 4.12
N VAL B 126 25.63 -16.45 2.82
CA VAL B 126 24.50 -16.24 1.90
C VAL B 126 24.32 -17.49 1.05
N TYR B 127 23.14 -18.08 1.14
CA TYR B 127 22.83 -19.30 0.45
C TYR B 127 21.58 -19.01 -0.38
N THR B 128 21.26 -19.87 -1.33
CA THR B 128 20.17 -19.55 -2.26
C THR B 128 19.38 -20.82 -2.56
N VAL B 129 18.13 -20.70 -2.97
CA VAL B 129 17.33 -21.91 -3.21
C VAL B 129 17.44 -22.20 -4.71
N LEU B 130 18.18 -23.23 -5.10
CA LEU B 130 18.34 -23.52 -6.54
C LEU B 130 17.94 -24.96 -6.60
N GLN B 131 16.64 -25.22 -6.56
CA GLN B 131 16.14 -26.58 -6.48
C GLN B 131 16.34 -27.43 -7.73
N LEU B 132 16.62 -26.85 -8.90
CA LEU B 132 16.80 -27.70 -10.08
C LEU B 132 18.07 -28.51 -9.80
N ARG B 133 18.97 -27.94 -9.01
CA ARG B 133 20.21 -28.63 -8.69
C ARG B 133 20.01 -29.87 -7.82
N VAL B 134 18.84 -30.05 -7.22
CA VAL B 134 18.60 -31.28 -6.44
C VAL B 134 17.48 -32.11 -7.09
N HIS B 135 17.01 -31.71 -8.25
CA HIS B 135 15.97 -32.51 -8.93
C HIS B 135 16.61 -33.85 -9.32
N PRO B 136 16.00 -34.99 -8.94
CA PRO B 136 16.74 -36.22 -9.25
C PRO B 136 16.95 -36.49 -10.75
N SER B 137 16.07 -36.02 -11.63
CA SER B 137 16.31 -36.33 -13.06
C SER B 137 17.47 -35.52 -13.62
N LEU B 138 17.78 -34.40 -12.97
CA LEU B 138 18.77 -33.46 -13.48
C LEU B 138 20.10 -33.80 -12.85
N LEU B 139 20.11 -34.20 -11.59
CA LEU B 139 21.34 -34.76 -11.03
C LEU B 139 21.77 -36.00 -11.83
N ALA B 140 20.78 -36.76 -12.30
CA ALA B 140 20.99 -37.94 -13.13
C ALA B 140 21.56 -37.45 -14.46
N LEU B 141 20.93 -36.44 -15.06
CA LEU B 141 21.38 -35.96 -16.36
C LEU B 141 22.82 -35.49 -16.26
N LYS B 142 23.14 -34.85 -15.15
CA LYS B 142 24.51 -34.42 -14.95
C LYS B 142 25.55 -35.53 -14.85
N GLU B 143 25.15 -36.67 -14.28
CA GLU B 143 26.02 -37.86 -14.22
C GLU B 143 26.43 -38.42 -15.58
N ARG B 144 25.42 -38.71 -16.41
CA ARG B 144 25.62 -39.03 -17.82
C ARG B 144 26.48 -38.01 -18.56
N LEU B 145 26.15 -36.72 -18.50
CA LEU B 145 27.00 -35.70 -19.15
C LEU B 145 28.46 -35.75 -18.74
N GLY B 146 28.75 -36.22 -17.52
CA GLY B 146 30.12 -36.15 -17.02
C GLY B 146 30.91 -37.28 -17.63
N GLN B 147 30.19 -38.24 -18.21
CA GLN B 147 30.80 -39.44 -18.79
CA GLN B 147 30.92 -39.39 -18.73
C GLN B 147 31.31 -39.21 -20.20
N GLU B 148 30.91 -38.09 -20.81
CA GLU B 148 31.15 -37.81 -22.23
C GLU B 148 32.12 -36.65 -22.43
N LYS B 149 32.87 -36.70 -23.52
CA LYS B 149 33.85 -35.67 -23.84
C LYS B 149 33.26 -34.74 -24.91
N GLY B 150 33.77 -33.52 -25.02
CA GLY B 150 33.20 -32.62 -26.00
C GLY B 150 32.02 -31.79 -25.51
N ALA B 151 31.86 -30.58 -26.05
CA ALA B 151 30.70 -29.72 -25.76
C ALA B 151 29.40 -30.33 -26.28
N LYS B 152 28.24 -30.02 -25.69
CA LYS B 152 26.99 -30.63 -26.17
C LYS B 152 26.18 -29.58 -26.91
N ASP B 153 25.26 -30.00 -27.76
CA ASP B 153 24.35 -29.01 -28.31
C ASP B 153 23.04 -29.13 -27.60
N VAL B 154 22.56 -28.01 -27.07
CA VAL B 154 21.41 -28.10 -26.17
C VAL B 154 20.23 -27.30 -26.69
N VAL B 155 19.04 -27.89 -26.63
CA VAL B 155 17.81 -27.11 -26.78
C VAL B 155 17.05 -27.05 -25.46
N LEU B 156 16.84 -25.82 -24.97
CA LEU B 156 16.24 -25.57 -23.63
C LEU B 156 14.90 -24.90 -23.89
N THR B 157 13.81 -25.51 -23.45
CA THR B 157 12.49 -24.94 -23.63
C THR B 157 11.74 -24.88 -22.28
N TYR B 158 11.28 -23.68 -21.97
CA TYR B 158 10.73 -23.43 -20.65
C TYR B 158 9.45 -22.61 -20.84
N VAL B 159 8.30 -23.23 -20.63
CA VAL B 159 7.04 -22.52 -20.81
C VAL B 159 6.25 -22.65 -19.51
N THR B 160 5.79 -21.55 -18.95
CA THR B 160 5.15 -21.60 -17.65
C THR B 160 3.96 -20.66 -17.77
N GLY B 161 2.78 -21.17 -18.10
CA GLY B 161 1.65 -20.31 -18.45
C GLY B 161 1.25 -19.45 -17.27
N ARG B 162 0.93 -18.17 -17.48
CA ARG B 162 0.38 -17.31 -16.43
C ARG B 162 -0.86 -16.58 -16.96
N GLY B 163 -1.91 -16.48 -16.16
CA GLY B 163 -3.10 -15.72 -16.53
C GLY B 163 -2.85 -14.23 -16.40
N LYS B 164 -3.89 -13.41 -16.56
CA LYS B 164 -3.69 -11.96 -16.62
C LYS B 164 -3.22 -11.27 -15.36
N TRP B 165 -3.40 -11.99 -14.27
CA TRP B 165 -2.95 -11.48 -13.00
C TRP B 165 -1.45 -11.17 -13.07
N TYR B 166 -0.65 -12.04 -13.69
CA TYR B 166 0.82 -11.82 -13.73
C TYR B 166 1.20 -10.41 -14.18
N GLY B 167 0.47 -9.81 -15.13
CA GLY B 167 0.88 -8.52 -15.68
C GLY B 167 0.49 -7.32 -14.84
N LYS B 168 -0.21 -7.58 -13.75
CA LYS B 168 -0.43 -6.54 -12.75
C LYS B 168 0.49 -6.72 -11.54
N SER B 169 1.33 -7.77 -11.53
CA SER B 169 2.21 -8.03 -10.37
C SER B 169 3.62 -7.45 -10.48
N TRP B 170 4.40 -7.40 -9.40
CA TRP B 170 5.77 -6.94 -9.48
C TRP B 170 6.60 -7.73 -10.50
N LYS B 171 6.18 -8.95 -10.82
CA LYS B 171 6.94 -9.87 -11.63
C LYS B 171 7.19 -9.37 -13.04
N VAL B 172 6.33 -8.50 -13.54
CA VAL B 172 6.58 -7.91 -14.86
C VAL B 172 7.16 -6.51 -14.77
N ASP B 173 7.45 -6.06 -13.57
CA ASP B 173 8.07 -4.74 -13.43
C ASP B 173 9.59 -4.98 -13.41
N GLU B 174 10.26 -4.60 -14.50
CA GLU B 174 11.65 -4.99 -14.74
C GLU B 174 12.62 -4.57 -13.60
N ALA B 175 12.36 -3.40 -13.04
CA ALA B 175 13.10 -2.91 -11.88
C ALA B 175 12.81 -3.73 -10.59
N LYS B 176 11.65 -4.35 -10.44
CA LYS B 176 11.51 -5.30 -9.34
C LYS B 176 11.87 -6.72 -9.69
N SER B 177 11.66 -7.17 -10.93
CA SER B 177 11.81 -8.61 -11.17
C SER B 177 13.14 -8.92 -11.89
N GLY B 178 13.70 -7.91 -12.53
CA GLY B 178 14.88 -8.06 -13.42
C GLY B 178 14.40 -8.50 -14.82
N GLY B 179 13.10 -8.64 -15.03
CA GLY B 179 12.62 -9.07 -16.34
C GLY B 179 12.37 -10.56 -16.45
N LEU B 180 11.68 -10.95 -17.50
CA LEU B 180 11.20 -12.31 -17.65
C LEU B 180 12.34 -13.33 -17.63
N ALA B 181 13.45 -13.03 -18.32
CA ALA B 181 14.58 -13.95 -18.32
C ALA B 181 15.26 -14.05 -16.95
N THR B 182 15.14 -13.05 -16.11
CA THR B 182 15.64 -13.23 -14.72
C THR B 182 14.55 -13.93 -13.95
N ASN B 183 13.37 -13.31 -13.94
CA ASN B 183 12.44 -13.80 -12.96
C ASN B 183 12.03 -15.23 -13.24
N ILE B 184 11.85 -15.59 -14.51
CA ILE B 184 11.64 -17.00 -14.71
C ILE B 184 12.93 -17.74 -15.12
N GLY B 185 13.70 -17.13 -16.00
CA GLY B 185 14.82 -17.83 -16.62
C GLY B 185 15.98 -18.19 -15.72
N ILE B 186 16.15 -17.50 -14.58
CA ILE B 186 17.34 -17.69 -13.77
C ILE B 186 17.51 -19.19 -13.46
N HIS B 187 16.41 -19.89 -13.26
CA HIS B 187 16.51 -21.31 -12.93
C HIS B 187 17.32 -22.08 -13.98
N PHE B 188 17.00 -21.83 -15.25
CA PHE B 188 17.56 -22.61 -16.33
C PHE B 188 18.93 -22.06 -16.67
N PHE B 189 19.14 -20.77 -16.60
CA PHE B 189 20.50 -20.24 -16.79
C PHE B 189 21.40 -20.84 -15.72
N ASP B 190 20.85 -20.97 -14.52
CA ASP B 190 21.67 -21.54 -13.45
C ASP B 190 21.89 -23.02 -13.71
N LEU B 191 20.85 -23.72 -14.16
CA LEU B 191 21.02 -25.16 -14.46
C LEU B 191 22.08 -25.29 -15.56
N LEU B 192 22.07 -24.39 -16.53
CA LEU B 192 23.03 -24.55 -17.62
C LEU B 192 24.44 -24.21 -17.17
N ALA B 193 24.63 -23.18 -16.34
CA ALA B 193 25.94 -22.95 -15.71
C ALA B 193 26.49 -24.15 -14.93
N TRP B 194 25.62 -24.75 -14.14
CA TRP B 194 26.00 -25.91 -13.33
C TRP B 194 26.39 -27.08 -14.24
N LEU B 195 25.61 -27.37 -15.26
CA LEU B 195 25.99 -28.49 -16.14
C LEU B 195 27.18 -28.14 -17.04
N PHE B 196 27.30 -26.91 -17.53
CA PHE B 196 28.17 -26.63 -18.67
C PHE B 196 29.13 -25.46 -18.51
N GLY B 197 29.15 -24.88 -17.31
CA GLY B 197 30.16 -23.85 -16.98
C GLY B 197 29.84 -22.49 -17.52
N ARG B 198 30.89 -21.72 -17.74
CA ARG B 198 30.71 -20.32 -18.05
C ARG B 198 30.30 -19.92 -19.46
N ALA B 199 29.70 -18.74 -19.56
CA ALA B 199 29.15 -18.30 -20.84
C ALA B 199 30.16 -17.45 -21.57
N LEU B 200 30.55 -17.88 -22.76
CA LEU B 200 31.59 -17.19 -23.52
C LEU B 200 30.95 -16.14 -24.42
N HIS B 201 29.75 -16.44 -24.89
CA HIS B 201 29.04 -15.55 -25.80
C HIS B 201 27.55 -15.68 -25.52
N VAL B 202 26.83 -14.56 -25.57
CA VAL B 202 25.39 -14.54 -25.24
C VAL B 202 24.63 -13.73 -26.29
N GLU B 203 23.52 -14.24 -26.85
CA GLU B 203 22.76 -13.48 -27.86
C GLU B 203 21.30 -13.50 -27.41
N VAL B 204 20.54 -12.42 -27.59
CA VAL B 204 19.08 -12.54 -27.44
C VAL B 204 18.38 -12.36 -28.80
N HIS B 205 17.52 -13.30 -29.18
CA HIS B 205 16.81 -13.24 -30.45
C HIS B 205 15.38 -12.73 -30.36
N ALA B 206 14.71 -12.88 -29.22
CA ALA B 206 13.36 -12.33 -29.14
C ALA B 206 13.14 -11.79 -27.73
N ARG B 207 12.34 -10.74 -27.64
CA ARG B 207 12.17 -10.09 -26.35
C ARG B 207 10.89 -9.28 -26.29
N THR B 208 9.82 -9.96 -25.88
CA THR B 208 8.50 -9.33 -25.82
C THR B 208 7.98 -9.54 -24.40
N PRO B 209 6.80 -8.97 -24.10
CA PRO B 209 6.32 -9.13 -22.71
C PRO B 209 6.11 -10.60 -22.34
N THR B 210 5.88 -11.48 -23.31
CA THR B 210 5.62 -12.89 -23.01
C THR B 210 6.66 -13.96 -23.42
N VAL B 211 7.61 -13.58 -24.28
CA VAL B 211 8.64 -14.46 -24.83
C VAL B 211 10.04 -13.84 -24.71
N ASN B 212 11.01 -14.65 -24.27
CA ASN B 212 12.41 -14.25 -24.43
C ASN B 212 13.06 -15.49 -25.04
N ALA B 213 14.04 -15.25 -25.91
CA ALA B 213 14.74 -16.35 -26.57
C ALA B 213 16.10 -15.89 -27.09
N GLY B 214 17.06 -16.82 -27.13
CA GLY B 214 18.42 -16.48 -27.55
C GLY B 214 19.34 -17.69 -27.64
N TYR B 215 20.64 -17.44 -27.59
CA TYR B 215 21.63 -18.50 -27.83
C TYR B 215 22.74 -18.17 -26.89
N LEU B 216 23.30 -19.20 -26.26
CA LEU B 216 24.51 -19.12 -25.47
C LEU B 216 25.61 -20.10 -25.91
N GLU B 217 26.85 -19.63 -25.84
CA GLU B 217 28.03 -20.47 -25.95
C GLU B 217 28.67 -20.60 -24.58
N LEU B 218 28.60 -21.78 -23.99
CA LEU B 218 29.12 -21.95 -22.64
C LEU B 218 30.34 -22.83 -22.81
N GLU B 219 31.23 -22.90 -21.82
CA GLU B 219 32.36 -23.83 -21.94
C GLU B 219 31.96 -25.23 -22.42
N GLY B 220 30.82 -25.76 -22.00
CA GLY B 220 30.59 -27.18 -22.24
C GLY B 220 29.43 -27.36 -23.21
N ALA B 221 28.88 -26.28 -23.75
CA ALA B 221 27.69 -26.48 -24.59
C ALA B 221 27.39 -25.26 -25.41
N ARG B 222 26.69 -25.54 -26.51
CA ARG B 222 26.09 -24.50 -27.32
C ARG B 222 24.60 -24.57 -26.99
N VAL B 223 23.94 -23.47 -26.62
CA VAL B 223 22.54 -23.63 -26.17
C VAL B 223 21.60 -22.68 -26.87
N ARG B 224 20.54 -23.25 -27.44
CA ARG B 224 19.45 -22.45 -28.00
C ARG B 224 18.34 -22.44 -26.95
N TRP B 225 17.79 -21.28 -26.58
CA TRP B 225 16.85 -21.34 -25.45
C TRP B 225 15.63 -20.49 -25.75
N PHE B 226 14.52 -20.90 -25.14
CA PHE B 226 13.21 -20.29 -25.42
C PHE B 226 12.46 -20.23 -24.10
N LEU B 227 12.03 -19.03 -23.74
CA LEU B 227 11.29 -18.90 -22.47
C LEU B 227 9.96 -18.18 -22.67
N SER B 228 8.86 -18.68 -22.12
CA SER B 228 7.58 -17.99 -22.31
C SER B 228 6.62 -18.17 -21.15
N ILE B 229 5.75 -17.16 -20.98
CA ILE B 229 4.71 -17.23 -19.94
C ILE B 229 3.35 -17.43 -20.60
N ASP B 230 3.36 -17.67 -21.91
CA ASP B 230 2.15 -17.95 -22.68
C ASP B 230 1.88 -19.46 -22.77
N PRO B 231 0.73 -19.89 -22.21
CA PRO B 231 0.45 -21.30 -22.04
C PRO B 231 0.32 -21.95 -23.42
N SER B 232 0.13 -21.12 -24.44
CA SER B 232 -0.01 -21.63 -25.82
C SER B 232 1.21 -22.30 -26.46
N PHE B 233 2.39 -22.14 -25.88
CA PHE B 233 3.60 -22.75 -26.44
C PHE B 233 3.79 -24.11 -25.80
N VAL B 234 2.88 -24.48 -24.91
CA VAL B 234 3.00 -25.83 -24.36
C VAL B 234 2.73 -26.72 -25.57
N PRO B 235 3.52 -27.79 -25.77
CA PRO B 235 3.24 -28.61 -26.96
C PRO B 235 1.81 -29.20 -26.98
N GLU B 236 1.16 -29.16 -28.14
CA GLU B 236 -0.20 -29.71 -28.31
C GLU B 236 -0.60 -30.99 -27.56
N PRO B 237 0.17 -32.08 -27.69
CA PRO B 237 -0.17 -33.24 -26.84
C PRO B 237 -0.39 -32.92 -25.36
N LEU B 238 0.37 -32.00 -24.77
CA LEU B 238 0.18 -31.75 -23.34
C LEU B 238 -0.90 -30.70 -23.04
N ARG B 239 -1.16 -29.82 -24.00
CA ARG B 239 -2.25 -28.85 -23.85
C ARG B 239 -3.60 -29.55 -23.91
N ARG B 240 -3.68 -30.61 -24.71
CA ARG B 240 -4.89 -31.43 -24.76
C ARG B 240 -5.22 -31.97 -23.37
N GLN B 241 -4.24 -32.56 -22.68
CA GLN B 241 -4.49 -33.05 -21.32
C GLN B 241 -4.42 -31.96 -20.26
N GLY B 242 -4.68 -30.72 -20.67
CA GLY B 242 -4.77 -29.63 -19.71
C GLY B 242 -3.50 -29.06 -19.11
N LYS B 243 -2.31 -29.28 -19.67
CA LYS B 243 -1.09 -28.73 -19.07
C LYS B 243 -0.78 -27.28 -19.44
N ARG B 244 -0.30 -26.53 -18.45
CA ARG B 244 0.04 -25.12 -18.65
C ARG B 244 1.54 -24.83 -18.55
N THR B 245 2.33 -25.87 -18.29
CA THR B 245 3.72 -25.72 -17.94
C THR B 245 4.50 -26.82 -18.61
N TYR B 246 5.58 -26.43 -19.27
CA TYR B 246 6.39 -27.34 -20.08
C TYR B 246 7.87 -26.96 -19.95
N ARG B 247 8.66 -27.84 -19.34
CA ARG B 247 10.08 -27.53 -19.12
C ARG B 247 10.92 -28.70 -19.57
N SER B 248 11.73 -28.47 -20.60
CA SER B 248 12.48 -29.52 -21.26
C SER B 248 13.85 -29.05 -21.65
N ILE B 249 14.83 -29.91 -21.42
CA ILE B 249 16.16 -29.70 -21.93
C ILE B 249 16.47 -30.90 -22.82
N ALA B 250 16.93 -30.64 -24.03
CA ALA B 250 17.23 -31.74 -24.96
C ALA B 250 18.72 -31.61 -25.19
N VAL B 251 19.50 -32.66 -24.99
CA VAL B 251 20.96 -32.50 -25.06
C VAL B 251 21.45 -33.46 -26.15
N ASP B 252 21.96 -32.94 -27.27
CA ASP B 252 22.34 -33.76 -28.41
C ASP B 252 21.12 -34.48 -29.02
N GLY B 253 19.94 -34.23 -28.45
CA GLY B 253 18.75 -35.06 -28.72
C GLY B 253 18.21 -36.08 -27.71
N GLU B 254 18.89 -36.34 -26.60
CA GLU B 254 18.22 -36.99 -25.46
C GLU B 254 17.37 -35.91 -24.79
N GLU B 255 16.12 -36.18 -24.40
CA GLU B 255 15.32 -35.13 -23.75
C GLU B 255 14.82 -35.42 -22.34
N VAL B 256 15.05 -34.51 -21.38
CA VAL B 256 14.51 -34.71 -20.03
C VAL B 256 13.41 -33.68 -19.74
N GLU B 257 12.24 -34.18 -19.34
CA GLU B 257 11.16 -33.33 -18.88
C GLU B 257 11.32 -33.15 -17.37
N PHE B 258 11.20 -31.90 -16.93
CA PHE B 258 11.27 -31.58 -15.50
C PHE B 258 10.22 -30.52 -15.18
N SER B 259 9.05 -30.68 -15.82
CA SER B 259 7.85 -29.86 -15.57
C SER B 259 7.33 -30.31 -14.21
N GLU B 260 7.74 -31.50 -13.81
CA GLU B 260 7.19 -32.21 -12.66
C GLU B 260 8.18 -32.36 -11.50
N GLY B 261 7.68 -32.84 -10.37
CA GLY B 261 8.48 -33.28 -9.22
C GLY B 261 9.10 -32.29 -8.24
N PHE B 262 8.46 -31.15 -7.94
CA PHE B 262 9.06 -30.14 -7.05
C PHE B 262 8.53 -30.12 -5.61
N THR B 263 7.40 -30.77 -5.40
CA THR B 263 6.83 -30.87 -4.05
C THR B 263 7.83 -30.32 -3.04
N ASP B 264 8.78 -31.15 -2.63
CA ASP B 264 9.59 -30.88 -1.45
C ASP B 264 11.08 -30.76 -1.79
N LEU B 265 11.35 -30.34 -3.02
CA LEU B 265 12.71 -30.01 -3.37
C LEU B 265 13.17 -28.83 -2.52
N HIS B 266 12.30 -27.90 -2.14
CA HIS B 266 12.70 -26.87 -1.19
C HIS B 266 13.25 -27.44 0.11
N THR B 267 12.58 -28.45 0.65
CA THR B 267 13.06 -29.09 1.88
C THR B 267 14.49 -29.62 1.71
N GLU B 268 14.65 -30.34 0.61
CA GLU B 268 15.95 -30.94 0.29
C GLU B 268 17.03 -29.87 0.18
N VAL B 269 16.67 -28.69 -0.35
CA VAL B 269 17.66 -27.60 -0.42
C VAL B 269 18.00 -27.09 0.99
N TYR B 270 16.96 -27.05 1.82
CA TYR B 270 17.12 -26.67 3.22
C TYR B 270 17.99 -27.70 3.93
N ARG B 271 17.73 -28.98 3.69
CA ARG B 271 18.58 -30.04 4.22
C ARG B 271 20.05 -29.91 3.82
N LYS B 272 20.32 -29.68 2.55
CA LYS B 272 21.71 -29.53 2.11
C LYS B 272 22.33 -28.29 2.73
N THR B 273 21.57 -27.21 2.79
CA THR B 273 22.09 -25.94 3.29
C THR B 273 22.51 -26.03 4.75
N LEU B 274 21.70 -26.71 5.56
CA LEU B 274 22.03 -26.92 6.99
C LEU B 274 23.22 -27.84 7.21
N ALA B 275 23.50 -28.75 6.28
CA ALA B 275 24.63 -29.65 6.39
C ALA B 275 25.89 -29.06 5.79
N GLY B 276 25.90 -27.74 5.59
CA GLY B 276 26.98 -27.06 4.90
C GLY B 276 27.26 -27.37 3.45
N GLU B 277 26.32 -27.97 2.71
CA GLU B 277 26.55 -28.20 1.27
C GLU B 277 25.57 -27.36 0.47
N GLY B 278 25.42 -26.09 0.84
CA GLY B 278 24.36 -25.25 0.32
C GLY B 278 24.88 -24.43 -0.84
N PHE B 279 23.97 -23.83 -1.58
CA PHE B 279 24.44 -23.09 -2.74
C PHE B 279 24.78 -21.67 -2.36
N GLY B 280 26.07 -21.35 -2.34
CA GLY B 280 26.51 -20.01 -1.95
C GLY B 280 26.74 -19.03 -3.08
N LEU B 281 27.36 -17.92 -2.72
CA LEU B 281 27.56 -16.87 -3.69
C LEU B 281 28.39 -17.36 -4.89
N ASP B 282 29.40 -18.20 -4.65
CA ASP B 282 30.22 -18.69 -5.77
C ASP B 282 29.40 -19.51 -6.76
N GLU B 283 28.51 -20.33 -6.23
CA GLU B 283 27.65 -21.17 -7.05
C GLU B 283 26.61 -20.39 -7.85
N ALA B 284 26.18 -19.25 -7.33
CA ALA B 284 25.03 -18.55 -7.92
C ALA B 284 25.48 -17.47 -8.90
N ALA B 285 26.73 -17.03 -8.83
CA ALA B 285 27.15 -15.83 -9.56
C ALA B 285 27.00 -15.86 -11.09
N GLU B 286 27.23 -17.03 -11.67
CA GLU B 286 27.39 -17.06 -13.11
C GLU B 286 26.00 -16.89 -13.73
N ALA B 287 24.98 -17.54 -13.18
CA ALA B 287 23.62 -17.35 -13.73
C ALA B 287 23.21 -15.89 -13.55
N ILE B 288 23.53 -15.33 -12.39
CA ILE B 288 23.29 -13.90 -12.17
C ILE B 288 23.99 -13.05 -13.22
N ARG B 289 25.26 -13.29 -13.53
CA ARG B 289 25.97 -12.49 -14.54
C ARG B 289 25.30 -12.62 -15.91
N VAL B 290 24.95 -13.86 -16.29
CA VAL B 290 24.23 -14.06 -17.56
C VAL B 290 22.89 -13.31 -17.65
N ALA B 291 22.02 -13.45 -16.64
CA ALA B 291 20.72 -12.76 -16.67
C ALA B 291 20.94 -11.26 -16.76
N ALA B 292 21.90 -10.76 -15.99
CA ALA B 292 22.13 -9.30 -16.08
C ALA B 292 22.52 -8.90 -17.49
N LEU B 293 23.34 -9.73 -18.16
CA LEU B 293 23.75 -9.40 -19.54
C LEU B 293 22.52 -9.47 -20.41
N LEU B 294 21.69 -10.50 -20.22
CA LEU B 294 20.49 -10.62 -21.06
C LEU B 294 19.52 -9.48 -20.89
N ARG B 295 19.65 -8.80 -19.77
CA ARG B 295 18.81 -7.66 -19.47
C ARG B 295 19.11 -6.44 -20.35
N THR B 296 20.40 -6.10 -20.52
CA THR B 296 20.78 -4.88 -21.28
C THR B 296 21.03 -5.08 -22.78
N LEU B 297 21.36 -6.31 -23.17
CA LEU B 297 21.68 -6.69 -24.54
C LEU B 297 20.73 -6.38 -25.69
N PRO B 298 21.24 -5.73 -26.74
CA PRO B 298 20.40 -5.57 -27.93
C PRO B 298 20.08 -6.88 -28.61
N LEU B 299 18.87 -6.97 -29.16
CA LEU B 299 18.41 -8.12 -29.89
C LEU B 299 19.32 -8.26 -31.10
N SER B 300 19.57 -9.48 -31.56
CA SER B 300 20.37 -9.69 -32.76
C SER B 300 19.68 -10.72 -33.62
N GLN B 301 20.01 -10.75 -34.90
CA GLN B 301 19.37 -11.68 -35.81
C GLN B 301 20.04 -13.05 -35.70
N PRO B 302 19.25 -14.12 -35.52
CA PRO B 302 20.02 -15.35 -35.38
C PRO B 302 20.38 -16.04 -36.69
N SER B 303 21.64 -16.42 -36.81
CA SER B 303 22.07 -17.41 -37.80
C SER B 303 21.15 -18.60 -37.60
N PRO B 304 20.86 -19.37 -38.66
CA PRO B 304 19.83 -20.40 -38.47
C PRO B 304 20.31 -21.56 -37.61
N GLU B 305 21.62 -21.69 -37.42
CA GLU B 305 22.15 -22.72 -36.52
C GLU B 305 21.98 -22.29 -35.07
N ASN B 306 21.75 -20.99 -34.82
CA ASN B 306 21.68 -20.46 -33.45
C ASN B 306 20.26 -20.20 -32.94
N ARG B 307 19.27 -20.52 -33.76
CA ARG B 307 17.88 -20.13 -33.59
C ARG B 307 16.99 -21.19 -32.98
N HIS B 308 16.39 -20.92 -31.82
CA HIS B 308 15.48 -21.90 -31.22
C HIS B 308 14.35 -22.31 -32.18
N PRO B 309 13.96 -23.60 -32.15
CA PRO B 309 12.86 -24.13 -32.95
C PRO B 309 11.47 -23.54 -32.66
N PHE B 310 11.17 -23.03 -31.49
CA PHE B 310 9.87 -22.37 -31.36
C PHE B 310 9.88 -20.97 -31.96
N LEU B 311 11.02 -20.49 -32.39
CA LEU B 311 11.05 -19.19 -33.06
C LEU B 311 10.67 -19.37 -34.53
N GLY B 312 11.25 -20.39 -35.15
CA GLY B 312 11.10 -20.63 -36.58
C GLY B 312 12.25 -21.44 -37.13
N MET C 3 30.29 20.24 7.05
CA MET C 3 28.87 20.30 6.60
C MET C 3 28.17 19.03 7.11
N THR C 4 27.22 19.23 8.01
CA THR C 4 26.56 18.10 8.66
C THR C 4 25.74 17.31 7.62
N ARG C 5 25.93 15.99 7.60
CA ARG C 5 25.27 15.13 6.62
C ARG C 5 24.02 14.52 7.25
N PHE C 6 22.87 14.69 6.59
CA PHE C 6 21.59 14.17 7.10
C PHE C 6 20.94 13.15 6.18
N ALA C 7 20.17 12.23 6.74
CA ALA C 7 19.24 11.43 5.94
C ALA C 7 17.88 11.66 6.59
N LEU C 8 16.80 11.49 5.84
CA LEU C 8 15.48 11.80 6.42
C LEU C 8 14.44 10.76 6.09
N THR C 9 13.58 10.43 7.05
CA THR C 9 12.43 9.54 6.80
C THR C 9 11.13 10.37 6.93
N GLY C 10 10.11 9.99 6.15
CA GLY C 10 8.83 10.67 6.07
C GLY C 10 8.80 11.88 5.16
N LEU C 11 9.69 11.95 4.16
CA LEU C 11 9.77 13.08 3.19
C LEU C 11 8.44 13.58 2.58
N ALA C 12 7.49 12.68 2.30
CA ALA C 12 6.22 13.12 1.65
C ALA C 12 5.19 13.70 2.61
N GLY C 13 5.49 13.82 3.90
CA GLY C 13 4.44 14.17 4.84
C GLY C 13 4.30 15.62 5.18
N TYR C 14 3.38 15.90 6.12
CA TYR C 14 3.01 17.27 6.44
C TYR C 14 4.16 18.02 7.09
N ILE C 15 4.91 17.37 7.98
CA ILE C 15 5.99 18.07 8.68
C ILE C 15 7.34 18.16 7.95
N ALA C 16 7.61 17.20 7.06
CA ALA C 16 8.93 17.11 6.41
C ALA C 16 9.42 18.45 5.86
N PRO C 17 8.56 19.27 5.24
CA PRO C 17 9.10 20.54 4.74
C PRO C 17 9.81 21.41 5.81
N ARG C 18 9.43 21.36 7.08
CA ARG C 18 10.16 22.10 8.10
C ARG C 18 11.52 21.51 8.33
N HIS C 19 11.64 20.18 8.21
CA HIS C 19 12.95 19.53 8.29
C HIS C 19 13.90 19.90 7.16
N LEU C 20 13.41 19.88 5.92
CA LEU C 20 14.21 20.33 4.76
C LEU C 20 14.74 21.73 4.99
N LYS C 21 13.86 22.59 5.45
CA LYS C 21 14.27 23.95 5.71
C LYS C 21 15.26 24.03 6.85
N ALA C 22 15.05 23.24 7.89
CA ALA C 22 15.95 23.23 9.02
C ALA C 22 17.34 22.83 8.52
N ILE C 23 17.48 21.74 7.76
CA ILE C 23 18.77 21.18 7.34
C ILE C 23 19.52 22.16 6.48
N LYS C 24 18.78 22.79 5.57
CA LYS C 24 19.33 23.77 4.67
C LYS C 24 19.83 24.94 5.51
N GLU C 25 19.02 25.44 6.43
CA GLU C 25 19.37 26.65 7.14
C GLU C 25 20.55 26.51 8.11
N VAL C 26 20.75 25.34 8.71
CA VAL C 26 21.99 25.08 9.45
C VAL C 26 23.18 24.61 8.60
N GLY C 27 23.10 24.75 7.28
CA GLY C 27 24.26 24.41 6.45
C GLY C 27 24.48 22.92 6.34
N GLY C 28 23.40 22.15 6.49
CA GLY C 28 23.48 20.70 6.39
C GLY C 28 23.33 20.23 4.95
N VAL C 29 23.51 18.95 4.70
CA VAL C 29 23.15 18.53 3.37
C VAL C 29 22.33 17.25 3.52
N LEU C 30 21.27 17.14 2.72
CA LEU C 30 20.48 15.93 2.76
C LEU C 30 21.06 14.88 1.81
N VAL C 31 21.55 13.79 2.35
CA VAL C 31 22.16 12.75 1.52
C VAL C 31 21.14 11.81 0.88
N ALA C 32 20.08 11.48 1.60
CA ALA C 32 19.11 10.48 1.16
C ALA C 32 17.81 10.61 1.98
N SER C 33 16.68 10.22 1.42
CA SER C 33 15.41 10.23 2.13
C SER C 33 14.71 8.90 1.90
N LEU C 34 13.71 8.65 2.73
CA LEU C 34 12.90 7.46 2.64
C LEU C 34 11.44 7.85 2.88
N ASP C 35 10.56 7.31 2.05
CA ASP C 35 9.11 7.37 2.22
C ASP C 35 8.48 6.44 1.19
N PRO C 36 7.56 5.55 1.61
CA PRO C 36 6.78 4.75 0.64
C PRO C 36 5.95 5.56 -0.35
N ALA C 37 5.64 6.80 0.00
CA ALA C 37 4.77 7.66 -0.80
C ALA C 37 5.70 8.57 -1.61
N THR C 38 5.26 9.02 -2.78
CA THR C 38 6.21 9.66 -3.70
C THR C 38 5.90 11.09 -4.12
N ASN C 39 4.90 11.75 -3.55
CA ASN C 39 4.83 13.18 -3.87
C ASN C 39 5.88 13.89 -3.01
N VAL C 40 7.14 13.83 -3.45
CA VAL C 40 8.26 14.39 -2.68
C VAL C 40 9.14 15.36 -3.45
N GLY C 41 8.63 15.75 -4.62
CA GLY C 41 9.36 16.55 -5.58
C GLY C 41 9.80 17.86 -4.97
N LEU C 42 9.13 18.30 -3.90
CA LEU C 42 9.58 19.58 -3.28
C LEU C 42 11.07 19.45 -2.90
N VAL C 43 11.52 18.23 -2.67
CA VAL C 43 12.92 18.03 -2.25
C VAL C 43 13.92 18.56 -3.28
N ASP C 44 13.58 18.48 -4.57
CA ASP C 44 14.53 18.96 -5.59
C ASP C 44 14.90 20.43 -5.38
N SER C 45 14.00 21.21 -4.80
CA SER C 45 14.33 22.63 -4.64
C SER C 45 15.18 22.91 -3.40
N PHE C 46 15.45 21.87 -2.61
CA PHE C 46 16.41 22.02 -1.51
C PHE C 46 17.70 21.27 -1.79
N PHE C 47 17.61 20.00 -2.17
CA PHE C 47 18.75 19.09 -2.29
C PHE C 47 18.54 18.28 -3.55
N PRO C 48 18.87 18.88 -4.71
CA PRO C 48 18.55 18.28 -5.99
C PRO C 48 19.35 17.02 -6.26
N GLU C 49 20.39 16.78 -5.48
CA GLU C 49 21.05 15.47 -5.65
C GLU C 49 20.77 14.34 -4.67
N ALA C 50 19.86 14.53 -3.73
CA ALA C 50 19.69 13.56 -2.66
C ALA C 50 19.21 12.22 -3.21
N GLU C 51 19.63 11.09 -2.64
CA GLU C 51 19.08 9.80 -3.11
C GLU C 51 17.68 9.62 -2.53
N PHE C 52 16.84 8.78 -3.13
CA PHE C 52 15.47 8.63 -2.62
C PHE C 52 15.11 7.17 -2.66
N PHE C 53 14.48 6.65 -1.61
CA PHE C 53 14.13 5.24 -1.50
C PHE C 53 12.69 5.16 -1.04
N THR C 54 11.95 4.13 -1.48
CA THR C 54 10.64 3.82 -0.95
C THR C 54 10.80 2.57 -0.08
N GLU C 55 11.87 1.79 -0.18
CA GLU C 55 11.99 0.58 0.65
C GLU C 55 12.96 0.71 1.84
N PRO C 56 12.46 0.55 3.09
CA PRO C 56 13.37 0.85 4.20
C PRO C 56 14.65 0.03 4.15
N GLU C 57 14.59 -1.23 3.75
CA GLU C 57 15.79 -2.07 3.70
C GLU C 57 16.82 -1.57 2.72
N ALA C 58 16.36 -0.97 1.62
CA ALA C 58 17.27 -0.45 0.64
C ALA C 58 17.91 0.83 1.13
N PHE C 59 17.15 1.71 1.77
CA PHE C 59 17.62 2.97 2.36
C PHE C 59 18.71 2.64 3.38
N GLU C 60 18.46 1.60 4.16
CA GLU C 60 19.39 1.23 5.22
C GLU C 60 20.70 0.68 4.62
N ALA C 61 20.63 -0.23 3.64
CA ALA C 61 21.84 -0.81 3.05
C ALA C 61 22.69 0.27 2.44
N TYR C 62 22.05 1.26 1.85
CA TYR C 62 22.73 2.41 1.24
C TYR C 62 23.46 3.24 2.29
N LEU C 63 22.80 3.50 3.40
CA LEU C 63 23.41 4.34 4.45
C LEU C 63 24.60 3.56 5.05
N GLU C 64 24.45 2.25 5.15
CA GLU C 64 25.45 1.38 5.70
C GLU C 64 26.70 1.33 4.80
N ASP C 65 26.50 1.39 3.49
CA ASP C 65 27.61 1.44 2.51
C ASP C 65 28.35 2.73 2.67
N LEU C 66 27.57 3.80 2.74
CA LEU C 66 28.19 5.10 2.99
C LEU C 66 29.06 5.08 4.25
N ARG C 67 28.53 4.49 5.31
CA ARG C 67 29.28 4.38 6.55
C ARG C 67 30.52 3.53 6.37
N ASP C 68 30.37 2.35 5.79
CA ASP C 68 31.48 1.42 5.60
C ASP C 68 32.65 1.99 4.80
N ARG C 69 32.37 2.93 3.93
CA ARG C 69 33.48 3.56 3.20
C ARG C 69 33.75 4.97 3.76
N GLY C 70 33.54 5.11 5.07
CA GLY C 70 33.96 6.33 5.72
C GLY C 70 33.21 7.57 5.31
N GLU C 71 31.97 7.44 4.81
CA GLU C 71 31.17 8.62 4.51
C GLU C 71 29.71 8.62 5.10
N GLY C 72 29.51 7.99 6.26
CA GLY C 72 28.19 7.87 6.90
C GLY C 72 27.45 9.16 7.09
N VAL C 73 26.12 9.13 7.22
CA VAL C 73 25.48 10.37 7.65
C VAL C 73 25.80 10.60 9.13
N ASP C 74 25.79 11.87 9.52
CA ASP C 74 25.95 12.31 10.90
C ASP C 74 24.63 12.16 11.67
N TYR C 75 23.50 12.44 11.03
CA TYR C 75 22.13 12.35 11.62
C TYR C 75 21.08 11.69 10.72
N LEU C 76 20.22 10.88 11.33
CA LEU C 76 18.95 10.50 10.73
C LEU C 76 17.81 11.34 11.32
N SER C 77 17.25 12.25 10.54
CA SER C 77 16.05 13.00 10.94
C SER C 77 14.83 12.15 10.68
N ILE C 78 13.98 12.03 11.68
CA ILE C 78 12.89 11.05 11.55
C ILE C 78 11.56 11.76 11.61
N ALA C 79 10.82 11.72 10.51
CA ALA C 79 9.46 12.26 10.50
C ALA C 79 8.43 11.22 10.01
N SER C 80 8.59 9.95 10.34
CA SER C 80 7.59 8.99 9.98
C SER C 80 6.48 8.88 11.05
N PRO C 81 5.43 8.08 10.82
CA PRO C 81 4.44 7.88 11.87
C PRO C 81 5.06 7.46 13.21
N ASN C 82 4.37 7.77 14.30
CA ASN C 82 4.94 7.70 15.67
C ASN C 82 5.39 6.30 16.00
N HIS C 83 4.65 5.26 15.64
CA HIS C 83 5.11 3.92 16.00
C HIS C 83 6.42 3.49 15.29
N LEU C 84 6.81 4.15 14.21
CA LEU C 84 8.06 3.84 13.52
C LEU C 84 9.27 4.58 14.10
N HIS C 85 9.08 5.48 15.07
CA HIS C 85 10.21 6.27 15.60
C HIS C 85 11.23 5.33 16.23
N TYR C 86 10.75 4.49 17.14
CA TYR C 86 11.68 3.63 17.83
C TYR C 86 12.57 2.82 16.87
N PRO C 87 11.98 2.08 15.92
CA PRO C 87 12.84 1.25 15.08
C PRO C 87 13.71 2.06 14.13
N GLN C 88 13.29 3.28 13.76
CA GLN C 88 14.15 4.12 12.95
C GLN C 88 15.28 4.74 13.77
N ILE C 89 15.06 5.07 15.03
CA ILE C 89 16.20 5.59 15.83
C ILE C 89 17.20 4.43 16.02
N ARG C 90 16.66 3.21 16.20
CA ARG C 90 17.50 2.02 16.35
C ARG C 90 18.32 1.86 15.06
N MET C 91 17.72 2.18 13.90
CA MET C 91 18.47 2.12 12.63
C MET C 91 19.58 3.17 12.68
N ALA C 92 19.26 4.38 13.08
CA ALA C 92 20.25 5.45 13.05
C ALA C 92 21.45 5.09 13.91
N LEU C 93 21.18 4.62 15.12
CA LEU C 93 22.28 4.29 16.01
C LEU C 93 23.10 3.11 15.47
N ARG C 94 22.45 2.05 15.00
CA ARG C 94 23.25 0.98 14.43
C ARG C 94 24.06 1.35 13.18
N LEU C 95 23.83 2.53 12.60
CA LEU C 95 24.63 3.09 11.50
C LEU C 95 25.69 4.13 11.95
N GLY C 96 25.84 4.35 13.25
CA GLY C 96 26.81 5.33 13.76
C GLY C 96 26.35 6.74 13.49
N ALA C 97 25.04 6.91 13.40
CA ALA C 97 24.56 8.28 13.33
C ALA C 97 23.78 8.60 14.62
N ASN C 98 23.66 9.89 14.90
CA ASN C 98 22.74 10.36 15.94
C ASN C 98 21.35 10.36 15.32
N ALA C 99 20.31 10.37 16.14
CA ALA C 99 18.93 10.43 15.62
C ALA C 99 18.35 11.76 16.05
N LEU C 100 17.61 12.44 15.19
CA LEU C 100 16.80 13.58 15.61
C LEU C 100 15.38 13.24 15.24
N SER C 101 14.62 12.72 16.21
CA SER C 101 13.27 12.27 15.93
C SER C 101 12.15 13.26 16.23
N GLU C 102 11.10 13.27 15.42
CA GLU C 102 9.91 14.07 15.76
C GLU C 102 9.38 13.51 17.07
N LYS C 103 8.57 14.32 17.75
CA LYS C 103 7.76 13.87 18.85
C LYS C 103 6.64 12.92 18.41
N PRO C 104 6.15 12.05 19.29
CA PRO C 104 6.74 11.65 20.56
C PRO C 104 8.01 10.91 20.21
N LEU C 105 9.09 11.12 20.95
CA LEU C 105 10.35 10.47 20.57
C LEU C 105 10.04 8.99 20.36
N VAL C 106 9.37 8.36 21.32
CA VAL C 106 8.86 6.98 21.21
C VAL C 106 7.50 6.83 21.90
N LEU C 107 6.86 5.67 21.76
CA LEU C 107 5.55 5.54 22.36
C LEU C 107 5.61 4.99 23.78
N TRP C 108 6.66 4.23 24.08
CA TRP C 108 6.70 3.51 25.37
C TRP C 108 7.91 3.81 26.25
N PRO C 109 7.69 3.99 27.56
CA PRO C 109 8.79 4.31 28.46
C PRO C 109 9.93 3.28 28.45
N GLU C 110 9.57 2.01 28.43
CA GLU C 110 10.59 0.97 28.33
C GLU C 110 11.51 1.11 27.12
N GLU C 111 10.98 1.62 26.02
CA GLU C 111 11.85 1.91 24.89
C GLU C 111 12.89 2.97 25.21
N ILE C 112 12.54 3.99 25.99
CA ILE C 112 13.55 4.99 26.39
C ILE C 112 14.74 4.32 27.07
N ALA C 113 14.45 3.31 27.89
CA ALA C 113 15.56 2.61 28.52
C ALA C 113 16.48 1.79 27.59
N ARG C 114 15.94 1.19 26.53
CA ARG C 114 16.84 0.51 25.58
C ARG C 114 17.68 1.49 24.78
N LEU C 115 17.11 2.65 24.48
CA LEU C 115 17.84 3.65 23.69
C LEU C 115 19.03 4.16 24.49
N LYS C 116 18.84 4.20 25.80
CA LYS C 116 19.87 4.75 26.67
C LYS C 116 21.14 3.88 26.65
N GLU C 117 20.95 2.57 26.77
CA GLU C 117 21.96 1.55 26.62
C GLU C 117 22.58 1.62 25.22
N LEU C 118 21.77 1.77 24.17
CA LEU C 118 22.36 1.88 22.83
C LEU C 118 23.22 3.12 22.60
N GLU C 119 22.88 4.24 23.24
CA GLU C 119 23.78 5.40 23.17
C GLU C 119 25.17 5.18 23.76
N ALA C 120 25.27 4.33 24.78
CA ALA C 120 26.56 4.20 25.49
C ALA C 120 27.50 3.33 24.67
N ARG C 121 26.94 2.23 24.17
CA ARG C 121 27.57 1.27 23.28
C ARG C 121 28.17 1.96 22.05
N THR C 122 27.51 3.01 21.60
CA THR C 122 27.54 3.47 20.26
C THR C 122 28.32 4.75 20.32
N GLY C 123 28.28 5.42 21.46
CA GLY C 123 28.74 6.83 21.50
C GLY C 123 27.96 7.78 20.60
N ARG C 124 26.74 7.40 20.21
CA ARG C 124 25.90 8.38 19.47
C ARG C 124 24.69 8.77 20.34
N ARG C 125 24.00 9.83 19.95
CA ARG C 125 22.91 10.36 20.79
C ARG C 125 21.56 10.40 20.07
N VAL C 126 20.49 10.30 20.86
CA VAL C 126 19.13 10.38 20.36
C VAL C 126 18.54 11.70 20.81
N TYR C 127 18.18 12.54 19.86
CA TYR C 127 17.48 13.79 20.16
C TYR C 127 16.06 13.85 19.66
N THR C 128 15.29 14.83 20.14
CA THR C 128 13.90 14.94 19.76
C THR C 128 13.58 16.41 19.49
N VAL C 129 12.53 16.61 18.71
CA VAL C 129 12.05 17.94 18.32
C VAL C 129 10.94 18.30 19.30
N LEU C 130 11.24 19.25 20.18
CA LEU C 130 10.25 19.74 21.15
C LEU C 130 10.24 21.23 20.95
N GLN C 131 9.62 21.66 19.85
CA GLN C 131 9.62 23.07 19.55
C GLN C 131 8.94 23.98 20.59
N LEU C 132 8.02 23.49 21.42
CA LEU C 132 7.44 24.41 22.40
C LEU C 132 8.51 24.94 23.35
N ARG C 133 9.57 24.18 23.57
CA ARG C 133 10.62 24.59 24.48
C ARG C 133 11.46 25.72 23.90
N VAL C 134 11.29 26.02 22.61
CA VAL C 134 12.01 27.15 22.01
C VAL C 134 11.07 28.26 21.60
N HIS C 135 9.78 28.10 21.90
CA HIS C 135 8.82 29.15 21.58
C HIS C 135 9.13 30.35 22.47
N PRO C 136 9.43 31.53 21.91
CA PRO C 136 9.78 32.67 22.79
C PRO C 136 8.73 32.98 23.86
N SER C 137 7.45 32.80 23.55
CA SER C 137 6.44 33.14 24.55
C SER C 137 6.57 32.19 25.74
N LEU C 138 6.84 30.91 25.51
CA LEU C 138 6.91 29.88 26.55
C LEU C 138 8.26 29.94 27.32
N LEU C 139 9.33 30.27 26.62
CA LEU C 139 10.59 30.57 27.30
C LEU C 139 10.46 31.71 28.32
N ALA C 140 9.72 32.75 27.94
CA ALA C 140 9.59 33.94 28.78
C ALA C 140 8.69 33.62 29.96
N LEU C 141 7.61 32.88 29.71
CA LEU C 141 6.74 32.41 30.78
C LEU C 141 7.58 31.65 31.80
N LYS C 142 8.42 30.77 31.29
CA LYS C 142 9.22 29.95 32.22
C LYS C 142 10.18 30.80 33.05
N GLU C 143 10.75 31.83 32.43
CA GLU C 143 11.60 32.74 33.17
C GLU C 143 10.79 33.44 34.26
N ARG C 144 9.58 33.92 33.94
CA ARG C 144 8.82 34.61 34.98
C ARG C 144 8.45 33.69 36.13
N LEU C 145 8.03 32.47 35.80
CA LEU C 145 7.62 31.49 36.80
C LEU C 145 8.79 31.11 37.70
N GLY C 146 10.00 31.13 37.15
CA GLY C 146 11.18 30.75 37.92
C GLY C 146 11.24 31.60 39.17
N GLN C 147 10.75 32.83 39.05
CA GLN C 147 10.81 33.86 40.09
C GLN C 147 9.80 33.78 41.23
N GLU C 148 9.17 32.63 41.45
CA GLU C 148 8.14 32.49 42.48
C GLU C 148 7.90 31.05 42.92
N LYS C 149 8.04 30.81 44.22
CA LYS C 149 7.88 29.47 44.79
C LYS C 149 6.39 29.14 44.98
N GLY C 150 6.09 27.88 45.27
CA GLY C 150 4.72 27.45 45.53
C GLY C 150 4.02 26.83 44.34
N ALA C 151 3.16 25.84 44.57
CA ALA C 151 2.41 25.17 43.50
C ALA C 151 1.70 26.21 42.64
N LYS C 152 1.51 25.91 41.37
CA LYS C 152 0.86 26.84 40.44
C LYS C 152 -0.49 26.21 40.16
N ASP C 153 -1.52 26.98 39.80
CA ASP C 153 -2.79 26.34 39.45
C ASP C 153 -2.95 26.58 37.95
N VAL C 154 -3.08 25.53 37.13
CA VAL C 154 -2.92 25.71 35.67
C VAL C 154 -4.14 25.26 34.86
N VAL C 155 -4.49 26.05 33.84
CA VAL C 155 -5.51 25.55 32.89
C VAL C 155 -4.93 25.49 31.47
N LEU C 156 -4.91 24.32 30.84
CA LEU C 156 -4.20 24.18 29.55
C LEU C 156 -5.30 23.84 28.53
N THR C 157 -5.37 24.58 27.43
CA THR C 157 -6.40 24.34 26.41
C THR C 157 -5.66 24.25 25.08
N TYR C 158 -5.92 23.20 24.33
CA TYR C 158 -5.14 22.92 23.11
C TYR C 158 -6.14 22.38 22.10
N VAL C 159 -6.61 23.28 21.24
CA VAL C 159 -7.56 22.91 20.20
C VAL C 159 -6.87 23.04 18.85
N THR C 160 -6.77 21.91 18.16
CA THR C 160 -6.06 21.90 16.88
C THR C 160 -7.07 21.38 15.85
N GLY C 161 -7.85 22.27 15.26
CA GLY C 161 -9.01 21.77 14.49
C GLY C 161 -8.60 21.05 13.22
N ARG C 162 -9.27 19.93 12.89
CA ARG C 162 -8.90 19.00 11.79
C ARG C 162 -10.21 18.65 11.07
N GLY C 163 -10.27 18.69 9.74
CA GLY C 163 -11.47 18.20 9.04
C GLY C 163 -11.55 16.69 8.96
N LYS C 164 -12.47 16.21 8.15
CA LYS C 164 -12.76 14.79 8.08
C LYS C 164 -11.61 13.91 7.61
N TRP C 165 -10.69 14.46 6.81
CA TRP C 165 -9.62 13.63 6.27
C TRP C 165 -8.89 12.98 7.49
N TYR C 166 -8.84 13.69 8.62
CA TYR C 166 -8.03 13.19 9.77
C TYR C 166 -8.45 11.84 10.25
N GLY C 167 -9.75 11.56 10.23
CA GLY C 167 -10.24 10.23 10.59
C GLY C 167 -9.84 9.06 9.72
N LYS C 168 -9.22 9.34 8.57
CA LYS C 168 -8.77 8.22 7.73
C LYS C 168 -7.26 8.10 7.79
N SER C 169 -6.65 8.95 8.58
CA SER C 169 -5.17 8.99 8.72
C SER C 169 -4.62 8.09 9.85
N TRP C 170 -3.35 7.67 9.76
CA TRP C 170 -2.72 6.87 10.85
C TRP C 170 -2.81 7.63 12.19
N LYS C 171 -3.03 8.94 12.11
CA LYS C 171 -3.02 9.79 13.29
C LYS C 171 -4.12 9.48 14.31
N VAL C 172 -5.19 8.83 13.88
CA VAL C 172 -6.28 8.38 14.76
C VAL C 172 -6.21 6.86 14.99
N ASP C 173 -5.22 6.18 14.41
CA ASP C 173 -5.04 4.75 14.72
C ASP C 173 -4.14 4.57 15.96
N GLU C 174 -4.73 4.18 17.09
CA GLU C 174 -4.04 4.17 18.39
C GLU C 174 -2.75 3.39 18.37
N ALA C 175 -2.74 2.23 17.71
CA ALA C 175 -1.51 1.45 17.53
C ALA C 175 -0.42 2.20 16.79
N LYS C 176 -0.75 3.15 15.93
CA LYS C 176 0.31 3.85 15.22
C LYS C 176 0.54 5.19 15.83
N SER C 177 -0.48 5.92 16.26
CA SER C 177 -0.17 7.28 16.72
C SER C 177 0.01 7.35 18.24
N GLY C 178 -0.44 6.33 18.94
CA GLY C 178 -0.63 6.46 20.41
C GLY C 178 -1.92 7.12 20.92
N GLY C 179 -2.81 7.57 20.04
CA GLY C 179 -4.07 8.28 20.43
C GLY C 179 -3.91 9.78 20.45
N LEU C 180 -5.00 10.53 20.48
CA LEU C 180 -4.91 11.99 20.47
C LEU C 180 -3.98 12.55 21.55
N ALA C 181 -4.13 12.09 22.80
CA ALA C 181 -3.32 12.61 23.92
C ALA C 181 -1.82 12.39 23.72
N THR C 182 -1.45 11.34 22.99
CA THR C 182 -0.03 11.19 22.61
C THR C 182 0.30 12.04 21.40
N ASN C 183 -0.38 11.79 20.28
CA ASN C 183 0.13 12.36 19.04
C ASN C 183 0.08 13.89 19.03
N ILE C 184 -0.98 14.46 19.56
CA ILE C 184 -0.93 15.89 19.79
C ILE C 184 -0.55 16.22 21.24
N GLY C 185 -1.15 15.53 22.20
CA GLY C 185 -0.95 15.87 23.61
C GLY C 185 0.51 15.95 24.02
N ILE C 186 1.41 15.15 23.42
CA ILE C 186 2.73 15.04 24.02
C ILE C 186 3.34 16.44 24.08
N HIS C 187 3.01 17.29 23.10
CA HIS C 187 3.58 18.66 23.15
C HIS C 187 3.32 19.31 24.51
N PHE C 188 2.08 19.24 24.98
CA PHE C 188 1.78 20.02 26.18
C PHE C 188 2.13 19.25 27.48
N PHE C 189 2.03 17.92 27.49
CA PHE C 189 2.52 17.18 28.65
C PHE C 189 4.02 17.44 28.80
N ASP C 190 4.73 17.60 27.69
CA ASP C 190 6.15 17.90 27.78
C ASP C 190 6.37 19.33 28.28
N LEU C 191 5.66 20.30 27.70
CA LEU C 191 5.68 21.69 28.22
C LEU C 191 5.48 21.66 29.74
N LEU C 192 4.49 20.92 30.20
CA LEU C 192 4.12 20.91 31.63
C LEU C 192 5.18 20.27 32.53
N ALA C 193 5.71 19.13 32.08
CA ALA C 193 6.86 18.50 32.73
C ALA C 193 8.05 19.44 32.77
N TRP C 194 8.33 20.12 31.67
CA TRP C 194 9.46 21.04 31.62
C TRP C 194 9.26 22.15 32.63
N LEU C 195 8.04 22.65 32.77
CA LEU C 195 7.81 23.74 33.73
C LEU C 195 7.66 23.34 35.18
N PHE C 196 7.03 22.20 35.44
CA PHE C 196 6.53 21.94 36.77
C PHE C 196 6.96 20.58 37.30
N GLY C 197 7.71 19.84 36.50
CA GLY C 197 8.34 18.59 36.93
C GLY C 197 7.49 17.34 36.76
N ARG C 198 7.63 16.38 37.68
CA ARG C 198 7.03 15.04 37.54
C ARG C 198 5.54 14.99 37.89
N ALA C 199 4.78 14.17 37.18
CA ALA C 199 3.34 14.04 37.39
C ALA C 199 3.17 13.02 38.50
N LEU C 200 2.53 13.42 39.60
CA LEU C 200 2.37 12.55 40.76
C LEU C 200 1.02 11.88 40.75
N HIS C 201 0.10 12.46 40.00
CA HIS C 201 -1.25 11.95 39.93
C HIS C 201 -1.90 12.36 38.62
N VAL C 202 -2.56 11.41 37.97
CA VAL C 202 -3.06 11.59 36.60
C VAL C 202 -4.53 11.15 36.54
N GLU C 203 -5.47 11.93 36.00
CA GLU C 203 -6.83 11.42 35.80
C GLU C 203 -7.22 11.67 34.38
N VAL C 204 -8.05 10.81 33.77
CA VAL C 204 -8.65 11.11 32.45
C VAL C 204 -10.17 11.25 32.52
N HIS C 205 -10.72 12.42 32.15
CA HIS C 205 -12.15 12.62 32.28
C HIS C 205 -12.97 12.41 31.02
N ALA C 206 -12.36 12.62 29.86
CA ALA C 206 -13.08 12.41 28.59
C ALA C 206 -12.08 11.80 27.61
N ARG C 207 -12.53 10.83 26.85
CA ARG C 207 -11.70 10.24 25.81
C ARG C 207 -12.64 9.85 24.67
N THR C 208 -12.81 10.74 23.71
CA THR C 208 -13.66 10.37 22.57
C THR C 208 -12.80 10.52 21.33
N PRO C 209 -13.39 10.26 20.15
CA PRO C 209 -12.55 10.42 18.97
C PRO C 209 -12.08 11.86 18.74
N THR C 210 -12.72 12.87 19.33
CA THR C 210 -12.29 14.22 18.99
C THR C 210 -11.86 15.01 20.23
N VAL C 211 -12.03 14.41 21.41
CA VAL C 211 -11.79 15.14 22.69
C VAL C 211 -11.05 14.22 23.67
N ASN C 212 -10.01 14.75 24.29
CA ASN C 212 -9.41 14.12 25.48
C ASN C 212 -9.26 15.20 26.52
N ALA C 213 -9.60 14.87 27.77
CA ALA C 213 -9.41 15.88 28.78
C ALA C 213 -9.18 15.22 30.12
N GLY C 214 -8.64 15.99 31.05
CA GLY C 214 -8.42 15.38 32.36
C GLY C 214 -7.75 16.31 33.33
N TYR C 215 -7.06 15.71 34.31
CA TYR C 215 -6.46 16.53 35.37
C TYR C 215 -5.11 15.93 35.76
N LEU C 216 -4.12 16.77 36.01
CA LEU C 216 -2.84 16.31 36.55
C LEU C 216 -2.44 16.99 37.86
N GLU C 217 -1.73 16.27 38.72
CA GLU C 217 -0.95 16.97 39.74
C GLU C 217 0.55 16.72 39.59
N LEU C 218 1.31 17.78 39.35
CA LEU C 218 2.73 17.64 39.10
C LEU C 218 3.38 18.18 40.35
N GLU C 219 4.69 17.98 40.48
CA GLU C 219 5.43 18.53 41.62
C GLU C 219 5.24 20.04 41.77
N GLY C 220 5.20 20.77 40.67
CA GLY C 220 5.12 22.23 40.78
C GLY C 220 3.75 22.83 40.49
N ALA C 221 2.74 22.01 40.21
CA ALA C 221 1.47 22.60 39.72
C ALA C 221 0.37 21.58 39.63
N ARG C 222 -0.87 22.07 39.75
CA ARG C 222 -2.01 21.23 39.42
C ARG C 222 -2.53 21.73 38.06
N VAL C 223 -3.06 20.84 37.24
CA VAL C 223 -3.31 21.13 35.82
C VAL C 223 -4.61 20.52 35.36
N ARG C 224 -5.50 21.40 34.93
CA ARG C 224 -6.71 20.95 34.26
C ARG C 224 -6.47 21.05 32.73
N TRP C 225 -6.63 19.97 31.99
CA TRP C 225 -6.28 20.03 30.57
C TRP C 225 -7.41 19.58 29.67
N PHE C 226 -7.40 20.12 28.45
CA PHE C 226 -8.43 19.78 27.45
C PHE C 226 -7.80 19.86 26.06
N LEU C 227 -8.01 18.80 25.30
CA LEU C 227 -7.36 18.65 23.99
C LEU C 227 -8.44 18.22 22.99
N SER C 228 -8.53 18.91 21.85
CA SER C 228 -9.55 18.54 20.85
C SER C 228 -9.12 18.83 19.40
N ILE C 229 -9.56 17.96 18.50
CA ILE C 229 -9.36 18.23 17.08
C ILE C 229 -10.67 18.75 16.48
N ASP C 230 -11.67 19.01 17.32
CA ASP C 230 -12.88 19.65 16.80
C ASP C 230 -12.75 21.16 16.86
N PRO C 231 -12.76 21.84 15.68
CA PRO C 231 -12.56 23.29 15.63
C PRO C 231 -13.67 24.06 16.33
N SER C 232 -14.81 23.42 16.59
CA SER C 232 -15.84 24.19 17.34
C SER C 232 -15.44 24.68 18.74
N PHE C 233 -14.40 24.08 19.31
CA PHE C 233 -13.91 24.41 20.63
C PHE C 233 -13.04 25.67 20.66
N VAL C 234 -12.63 26.19 19.50
CA VAL C 234 -11.89 27.46 19.50
C VAL C 234 -12.83 28.54 20.06
N PRO C 235 -12.33 29.37 20.98
CA PRO C 235 -13.14 30.39 21.66
C PRO C 235 -13.88 31.20 20.59
N GLU C 236 -15.20 31.33 20.73
CA GLU C 236 -16.04 32.02 19.76
C GLU C 236 -15.46 33.33 19.22
N PRO C 237 -15.10 34.27 20.10
CA PRO C 237 -14.40 35.45 19.60
C PRO C 237 -13.40 35.15 18.49
N LEU C 238 -12.49 34.18 18.64
CA LEU C 238 -11.51 33.84 17.60
C LEU C 238 -12.07 33.05 16.42
N ARG C 239 -13.03 32.17 16.68
CA ARG C 239 -13.73 31.51 15.57
C ARG C 239 -14.33 32.51 14.59
N ARG C 240 -15.10 33.45 15.14
CA ARG C 240 -15.69 34.57 14.41
C ARG C 240 -14.74 35.01 13.31
N GLN C 241 -13.44 34.95 13.64
CA GLN C 241 -12.36 35.48 12.83
C GLN C 241 -11.70 34.43 11.93
N GLY C 242 -12.32 33.25 11.79
CA GLY C 242 -11.73 32.18 10.99
C GLY C 242 -10.62 31.36 11.66
N LYS C 243 -10.29 31.60 12.92
CA LYS C 243 -9.23 30.81 13.56
C LYS C 243 -9.66 29.34 13.76
N ARG C 244 -8.83 28.38 13.37
CA ARG C 244 -9.11 26.97 13.65
C ARG C 244 -8.22 26.35 14.73
N THR C 245 -7.24 27.06 15.28
CA THR C 245 -6.33 26.45 16.25
C THR C 245 -6.23 27.42 17.39
N TYR C 246 -6.25 26.89 18.60
CA TYR C 246 -6.16 27.70 19.82
C TYR C 246 -5.37 26.93 20.90
N ARG C 247 -4.24 27.50 21.32
CA ARG C 247 -3.38 26.89 22.31
C ARG C 247 -3.12 27.99 23.32
N SER C 248 -3.48 27.75 24.58
CA SER C 248 -3.13 28.68 25.64
C SER C 248 -2.86 27.89 26.90
N ILE C 249 -1.99 28.47 27.72
CA ILE C 249 -1.81 27.94 29.04
C ILE C 249 -2.14 29.07 30.01
N ALA C 250 -3.04 28.87 30.97
CA ALA C 250 -3.29 29.89 31.99
C ALA C 250 -2.71 29.44 33.33
N VAL C 251 -1.81 30.24 33.89
CA VAL C 251 -1.26 29.92 35.20
C VAL C 251 -1.21 31.15 36.09
N ASP C 252 -1.82 30.98 37.26
CA ASP C 252 -1.87 31.97 38.32
C ASP C 252 -1.94 33.37 37.76
N GLY C 253 -3.12 33.72 37.28
CA GLY C 253 -3.40 35.10 36.92
C GLY C 253 -2.70 35.65 35.68
N GLU C 254 -2.31 34.77 34.76
CA GLU C 254 -1.66 35.21 33.55
C GLU C 254 -1.99 34.15 32.52
N GLU C 255 -2.17 34.55 31.27
CA GLU C 255 -2.61 33.60 30.27
C GLU C 255 -1.70 33.77 29.06
N VAL C 256 -1.06 32.70 28.60
CA VAL C 256 -0.08 32.87 27.51
C VAL C 256 -0.65 32.09 26.34
N GLU C 257 -0.88 32.83 25.27
CA GLU C 257 -1.36 32.25 24.02
C GLU C 257 -0.20 31.84 23.11
N PHE C 258 -0.33 30.67 22.49
CA PHE C 258 0.73 30.20 21.58
C PHE C 258 0.12 29.40 20.43
N SER C 259 -0.92 29.95 19.79
CA SER C 259 -1.51 29.34 18.60
C SER C 259 -0.57 29.51 17.39
N GLU C 260 0.09 30.66 17.33
CA GLU C 260 1.01 31.01 16.24
C GLU C 260 2.44 31.19 16.74
N GLY C 261 3.33 31.51 15.81
CA GLY C 261 4.73 31.78 16.11
C GLY C 261 5.67 30.61 15.80
N PHE C 262 5.25 29.66 14.98
CA PHE C 262 6.03 28.43 14.80
C PHE C 262 6.88 28.32 13.52
N THR C 263 6.86 29.33 12.66
CA THR C 263 7.50 29.25 11.34
C THR C 263 8.95 28.73 11.32
N ASP C 264 9.77 29.18 12.28
CA ASP C 264 11.21 28.90 12.27
C ASP C 264 11.62 27.98 13.43
N LEU C 265 10.66 27.51 14.22
CA LEU C 265 11.05 26.85 15.47
C LEU C 265 11.76 25.54 15.17
N HIS C 266 11.42 24.86 14.07
CA HIS C 266 12.19 23.64 13.78
C HIS C 266 13.67 23.92 13.48
N THR C 267 13.95 25.03 12.81
CA THR C 267 15.35 25.34 12.56
C THR C 267 16.07 25.63 13.85
N GLU C 268 15.40 26.26 14.80
CA GLU C 268 16.05 26.57 16.07
C GLU C 268 16.31 25.29 16.85
N VAL C 269 15.41 24.32 16.72
CA VAL C 269 15.67 23.07 17.38
C VAL C 269 16.92 22.41 16.75
N TYR C 270 17.02 22.39 15.42
CA TYR C 270 18.22 21.82 14.77
C TYR C 270 19.47 22.57 15.24
N ARG C 271 19.37 23.89 15.37
CA ARG C 271 20.54 24.67 15.77
C ARG C 271 21.00 24.25 17.16
N LYS C 272 20.08 24.24 18.13
CA LYS C 272 20.42 23.82 19.48
C LYS C 272 20.98 22.42 19.44
N THR C 273 20.38 21.54 18.64
CA THR C 273 20.86 20.16 18.70
C THR C 273 22.25 20.11 18.10
N LEU C 274 22.54 20.87 17.05
CA LEU C 274 23.87 20.77 16.45
C LEU C 274 24.86 21.46 17.39
N ALA C 275 24.40 22.37 18.24
CA ALA C 275 25.30 23.06 19.17
C ALA C 275 25.44 22.33 20.48
N GLY C 276 24.99 21.07 20.53
CA GLY C 276 25.06 20.24 21.72
C GLY C 276 24.05 20.58 22.81
N GLU C 277 23.05 21.40 22.52
CA GLU C 277 21.98 21.75 23.47
C GLU C 277 20.59 21.14 23.15
N GLY C 278 20.57 20.04 22.41
CA GLY C 278 19.32 19.41 21.97
C GLY C 278 18.62 18.66 23.08
N PHE C 279 17.36 18.30 22.84
CA PHE C 279 16.60 17.55 23.84
C PHE C 279 16.80 16.06 23.72
N GLY C 280 17.38 15.48 24.77
CA GLY C 280 17.70 14.06 24.73
C GLY C 280 16.71 13.16 25.42
N LEU C 281 17.13 11.93 25.63
CA LEU C 281 16.23 10.96 26.22
C LEU C 281 15.76 11.37 27.63
N ASP C 282 16.68 11.92 28.43
CA ASP C 282 16.39 12.40 29.78
C ASP C 282 15.33 13.50 29.72
N GLU C 283 15.46 14.45 28.79
CA GLU C 283 14.47 15.57 28.69
C GLU C 283 13.11 15.08 28.23
N ALA C 284 13.11 14.10 27.32
CA ALA C 284 11.86 13.64 26.72
C ALA C 284 11.08 12.63 27.54
N ALA C 285 11.72 11.98 28.51
CA ALA C 285 11.11 10.76 29.06
C ALA C 285 9.80 10.98 29.87
N GLU C 286 9.73 12.06 30.65
CA GLU C 286 8.58 12.27 31.54
C GLU C 286 7.28 12.44 30.73
N ALA C 287 7.32 13.25 29.66
CA ALA C 287 6.09 13.41 28.88
C ALA C 287 5.73 12.09 28.27
N ILE C 288 6.75 11.34 27.81
CA ILE C 288 6.41 9.99 27.27
C ILE C 288 5.76 9.09 28.33
N ARG C 289 6.31 9.10 29.55
CA ARG C 289 5.70 8.34 30.64
C ARG C 289 4.25 8.75 30.89
N VAL C 290 3.95 10.03 30.95
CA VAL C 290 2.57 10.45 31.21
C VAL C 290 1.66 10.08 30.06
N ALA C 291 2.17 10.25 28.85
CA ALA C 291 1.30 9.96 27.73
C ALA C 291 0.95 8.48 27.70
N ALA C 292 1.93 7.63 28.03
CA ALA C 292 1.64 6.17 28.07
C ALA C 292 0.67 5.79 29.16
N LEU C 293 0.77 6.44 30.31
CA LEU C 293 -0.23 6.26 31.37
C LEU C 293 -1.63 6.64 30.92
N LEU C 294 -1.79 7.82 30.33
CA LEU C 294 -3.09 8.34 29.83
C LEU C 294 -3.76 7.43 28.82
N ARG C 295 -2.94 6.60 28.21
CA ARG C 295 -3.42 5.77 27.12
C ARG C 295 -4.27 4.61 27.68
N THR C 296 -3.91 4.13 28.86
CA THR C 296 -4.52 2.91 29.36
C THR C 296 -5.45 3.15 30.54
N LEU C 297 -5.37 4.33 31.13
CA LEU C 297 -6.11 4.65 32.34
C LEU C 297 -7.59 4.64 32.07
N PRO C 298 -8.36 4.02 32.97
CA PRO C 298 -9.83 4.06 32.88
C PRO C 298 -10.35 5.48 33.08
N LEU C 299 -11.43 5.87 32.42
CA LEU C 299 -11.98 7.19 32.61
C LEU C 299 -12.44 7.31 34.06
N SER C 300 -12.52 8.51 34.62
CA SER C 300 -13.07 8.63 35.97
C SER C 300 -13.92 9.87 36.01
N GLN C 301 -14.84 9.89 36.96
CA GLN C 301 -15.69 11.04 37.23
C GLN C 301 -14.95 12.21 37.87
N PRO C 302 -14.88 13.37 37.19
CA PRO C 302 -14.11 14.44 37.82
C PRO C 302 -14.84 15.09 38.99
N SER C 303 -14.13 15.52 40.01
CA SER C 303 -14.74 16.39 40.99
C SER C 303 -14.91 17.71 40.28
N PRO C 304 -15.88 18.52 40.71
CA PRO C 304 -16.04 19.78 39.99
C PRO C 304 -14.80 20.65 39.95
N GLU C 305 -14.00 20.69 41.01
CA GLU C 305 -12.85 21.60 40.97
C GLU C 305 -11.73 21.01 40.09
N ASN C 306 -11.78 19.72 39.78
CA ASN C 306 -10.72 19.15 38.94
C ASN C 306 -11.08 19.13 37.46
N ARG C 307 -12.24 19.67 37.10
CA ARG C 307 -12.83 19.52 35.75
C ARG C 307 -12.42 20.66 34.84
N HIS C 308 -11.85 20.44 33.64
CA HIS C 308 -11.56 21.57 32.72
C HIS C 308 -12.89 22.30 32.36
N PRO C 309 -12.87 23.64 32.40
CA PRO C 309 -14.02 24.48 32.11
C PRO C 309 -14.69 24.09 30.81
N PHE C 310 -13.94 23.62 29.80
CA PHE C 310 -14.63 23.27 28.55
C PHE C 310 -15.45 22.01 28.65
N LEU C 311 -15.30 21.20 29.68
CA LEU C 311 -16.28 20.12 29.84
C LEU C 311 -17.34 20.72 30.75
N GLY C 312 -16.96 21.83 31.37
CA GLY C 312 -17.62 22.37 32.55
C GLY C 312 -19.06 21.94 32.73
N MET D 3 -23.77 27.55 -6.38
CA MET D 3 -22.30 27.38 -6.22
C MET D 3 -22.00 26.08 -6.95
N THR D 4 -20.98 26.07 -7.82
CA THR D 4 -20.66 24.81 -8.46
C THR D 4 -20.04 23.83 -7.45
N ARG D 5 -20.56 22.60 -7.47
CA ARG D 5 -20.18 21.53 -6.58
C ARG D 5 -19.19 20.56 -7.23
N PHE D 6 -18.00 20.47 -6.64
CA PHE D 6 -16.92 19.58 -7.15
C PHE D 6 -16.60 18.44 -6.18
N ALA D 7 -16.16 17.29 -6.71
CA ALA D 7 -15.42 16.32 -5.91
C ALA D 7 -14.02 16.25 -6.54
N LEU D 8 -12.98 15.87 -5.80
CA LEU D 8 -11.65 15.86 -6.42
C LEU D 8 -10.95 14.53 -6.14
N THR D 9 -10.20 13.98 -7.11
CA THR D 9 -9.39 12.73 -6.88
C THR D 9 -7.91 13.11 -6.96
N GLY D 10 -7.06 12.41 -6.19
CA GLY D 10 -5.65 12.80 -6.10
C GLY D 10 -5.26 13.95 -5.19
N LEU D 11 -6.04 14.18 -4.13
CA LEU D 11 -5.87 15.35 -3.19
C LEU D 11 -4.46 15.50 -2.59
N ALA D 12 -3.83 14.37 -2.29
CA ALA D 12 -2.49 14.38 -1.67
C ALA D 12 -1.33 14.67 -2.65
N GLY D 13 -1.59 14.88 -3.94
CA GLY D 13 -0.45 14.90 -4.85
C GLY D 13 0.06 16.28 -5.15
N TYR D 14 1.01 16.33 -6.07
CA TYR D 14 1.75 17.52 -6.37
C TYR D 14 0.87 18.61 -7.01
N ILE D 15 -0.04 18.20 -7.90
CA ILE D 15 -0.80 19.18 -8.66
C ILE D 15 -2.09 19.56 -7.94
N ALA D 16 -2.63 18.73 -7.04
CA ALA D 16 -3.91 19.03 -6.40
C ALA D 16 -4.06 20.46 -5.81
N PRO D 17 -3.02 21.07 -5.23
CA PRO D 17 -3.31 22.40 -4.69
C PRO D 17 -3.72 23.42 -5.74
N ARG D 18 -3.31 23.27 -6.99
CA ARG D 18 -3.77 24.20 -8.02
C ARG D 18 -5.26 24.00 -8.26
N HIS D 19 -5.75 22.76 -8.16
CA HIS D 19 -7.17 22.51 -8.27
C HIS D 19 -7.97 23.06 -7.10
N LEU D 20 -7.52 22.88 -5.86
CA LEU D 20 -8.18 23.57 -4.75
C LEU D 20 -8.25 25.08 -4.96
N LYS D 21 -7.18 25.66 -5.44
CA LYS D 21 -7.16 27.11 -5.59
C LYS D 21 -8.15 27.51 -6.68
N ALA D 22 -8.26 26.68 -7.72
CA ALA D 22 -9.13 27.05 -8.81
C ALA D 22 -10.57 26.99 -8.36
N ILE D 23 -10.96 25.88 -7.75
CA ILE D 23 -12.31 25.70 -7.27
C ILE D 23 -12.78 26.84 -6.37
N LYS D 24 -11.96 27.19 -5.37
CA LYS D 24 -12.21 28.32 -4.49
C LYS D 24 -12.37 29.59 -5.31
N GLU D 25 -11.43 29.87 -6.21
CA GLU D 25 -11.40 31.12 -6.96
C GLU D 25 -12.53 31.22 -7.99
N VAL D 26 -13.13 30.13 -8.47
CA VAL D 26 -14.31 30.33 -9.32
C VAL D 26 -15.59 30.25 -8.50
N GLY D 27 -15.52 30.36 -7.17
CA GLY D 27 -16.77 30.23 -6.40
C GLY D 27 -17.33 28.85 -6.19
N GLY D 28 -16.49 27.84 -6.39
CA GLY D 28 -16.96 26.47 -6.26
C GLY D 28 -16.96 25.99 -4.82
N VAL D 29 -17.50 24.80 -4.60
CA VAL D 29 -17.38 24.25 -3.27
C VAL D 29 -16.89 22.82 -3.44
N LEU D 30 -15.84 22.46 -2.72
CA LEU D 30 -15.39 21.08 -2.73
C LEU D 30 -16.17 20.29 -1.71
N VAL D 31 -16.89 19.30 -2.21
CA VAL D 31 -17.71 18.54 -1.27
C VAL D 31 -17.09 17.24 -0.78
N ALA D 32 -16.16 16.66 -1.53
CA ALA D 32 -15.57 15.38 -1.17
C ALA D 32 -14.29 15.14 -1.98
N SER D 33 -13.33 14.41 -1.41
CA SER D 33 -12.09 14.04 -2.14
C SER D 33 -11.74 12.60 -1.91
N LEU D 34 -10.83 12.08 -2.73
CA LEU D 34 -10.45 10.68 -2.71
C LEU D 34 -8.93 10.72 -2.93
N ASP D 35 -8.20 9.96 -2.11
CA ASP D 35 -6.78 9.66 -2.34
C ASP D 35 -6.42 8.59 -1.33
N PRO D 36 -5.77 7.50 -1.78
CA PRO D 36 -5.36 6.54 -0.77
C PRO D 36 -4.29 7.05 0.19
N ALA D 37 -3.67 8.17 -0.13
CA ALA D 37 -2.57 8.72 0.69
C ALA D 37 -3.16 9.82 1.55
N THR D 38 -2.59 10.15 2.70
CA THR D 38 -3.33 11.01 3.62
C THR D 38 -2.68 12.30 4.12
N ASN D 39 -1.55 12.74 3.59
CA ASN D 39 -1.07 14.09 3.86
C ASN D 39 -1.92 15.07 3.02
N VAL D 40 -3.16 15.37 3.45
CA VAL D 40 -4.11 16.12 2.63
C VAL D 40 -4.62 17.28 3.47
N GLY D 41 -4.01 17.50 4.64
CA GLY D 41 -4.52 18.51 5.57
C GLY D 41 -4.58 19.91 4.98
N LEU D 42 -3.78 20.20 3.97
CA LEU D 42 -3.89 21.47 3.26
C LEU D 42 -5.34 21.84 2.89
N VAL D 43 -6.16 20.83 2.63
CA VAL D 43 -7.57 21.02 2.28
C VAL D 43 -8.40 21.80 3.32
N ASP D 44 -8.09 21.66 4.61
CA ASP D 44 -8.86 22.37 5.66
C ASP D 44 -8.72 23.89 5.50
N SER D 45 -7.66 24.36 4.86
CA SER D 45 -7.64 25.81 4.74
C SER D 45 -8.40 26.27 3.49
N PHE D 46 -8.99 25.36 2.70
CA PHE D 46 -9.87 25.74 1.57
C PHE D 46 -11.31 25.34 1.79
N PHE D 47 -11.51 24.06 2.10
CA PHE D 47 -12.83 23.49 2.30
C PHE D 47 -12.87 22.64 3.57
N PRO D 48 -12.91 23.33 4.72
CA PRO D 48 -12.83 22.73 6.06
C PRO D 48 -13.95 21.72 6.27
N GLU D 49 -14.97 21.75 5.41
CA GLU D 49 -16.08 20.82 5.60
C GLU D 49 -16.07 19.61 4.66
N ALA D 50 -15.05 19.51 3.81
CA ALA D 50 -15.15 18.55 2.73
C ALA D 50 -15.07 17.14 3.29
N GLU D 51 -15.80 16.19 2.72
CA GLU D 51 -15.58 14.79 3.11
C GLU D 51 -14.30 14.25 2.48
N PHE D 52 -13.75 13.16 3.04
CA PHE D 52 -12.49 12.62 2.56
C PHE D 52 -12.59 11.10 2.56
N PHE D 53 -12.13 10.45 1.51
CA PHE D 53 -12.21 8.99 1.39
C PHE D 53 -10.85 8.45 0.97
N THR D 54 -10.50 7.22 1.38
CA THR D 54 -9.26 6.64 0.87
C THR D 54 -9.68 5.47 0.00
N GLU D 55 -10.92 4.96 0.08
CA GLU D 55 -11.34 3.86 -0.79
C GLU D 55 -12.25 4.31 -1.94
N PRO D 56 -11.80 4.09 -3.20
CA PRO D 56 -12.63 4.52 -4.33
C PRO D 56 -14.09 4.10 -4.28
N GLU D 57 -14.37 2.86 -3.87
CA GLU D 57 -15.75 2.36 -3.85
C GLU D 57 -16.65 3.10 -2.87
N ALA D 58 -16.05 3.52 -1.76
CA ALA D 58 -16.72 4.23 -0.72
C ALA D 58 -16.98 5.65 -1.19
N PHE D 59 -16.03 6.33 -1.85
CA PHE D 59 -16.19 7.70 -2.39
C PHE D 59 -17.35 7.70 -3.40
N GLU D 60 -17.36 6.66 -4.19
CA GLU D 60 -18.32 6.59 -5.29
C GLU D 60 -19.72 6.36 -4.72
N ALA D 61 -19.88 5.41 -3.80
CA ALA D 61 -21.17 5.24 -3.07
C ALA D 61 -21.69 6.53 -2.43
N TYR D 62 -20.78 7.30 -1.85
CA TYR D 62 -21.17 8.56 -1.25
C TYR D 62 -21.68 9.56 -2.29
N LEU D 63 -21.00 9.59 -3.42
CA LEU D 63 -21.34 10.57 -4.47
C LEU D 63 -22.69 10.17 -5.09
N GLU D 64 -22.87 8.87 -5.24
CA GLU D 64 -24.08 8.34 -5.79
C GLU D 64 -25.26 8.69 -4.87
N ASP D 65 -25.05 8.62 -3.56
CA ASP D 65 -26.09 8.92 -2.58
C ASP D 65 -26.48 10.36 -2.76
N LEU D 66 -25.47 11.23 -2.84
CA LEU D 66 -25.69 12.65 -3.03
C LEU D 66 -26.59 12.84 -4.24
N ARG D 67 -26.34 12.12 -5.32
CA ARG D 67 -27.25 12.42 -6.40
C ARG D 67 -28.58 11.69 -6.35
N ASP D 68 -28.67 10.50 -5.77
CA ASP D 68 -29.95 9.80 -5.65
C ASP D 68 -30.96 10.60 -4.83
N ARG D 69 -30.48 11.63 -4.14
CA ARG D 69 -31.32 12.57 -3.43
C ARG D 69 -31.09 14.05 -3.83
N GLY D 70 -30.73 14.30 -5.09
CA GLY D 70 -30.76 15.68 -5.61
C GLY D 70 -29.66 16.64 -5.25
N GLU D 71 -28.59 16.12 -4.66
CA GLU D 71 -27.49 16.96 -4.19
C GLU D 71 -26.13 16.63 -4.87
N GLY D 72 -26.17 15.89 -5.97
CA GLY D 72 -25.00 15.51 -6.83
C GLY D 72 -23.91 16.54 -7.04
N VAL D 73 -22.66 16.10 -7.27
CA VAL D 73 -21.69 17.13 -7.64
C VAL D 73 -21.93 17.39 -9.14
N ASP D 74 -21.53 18.58 -9.57
CA ASP D 74 -21.61 19.04 -10.96
C ASP D 74 -20.35 18.62 -11.70
N TYR D 75 -19.20 18.70 -11.03
CA TYR D 75 -17.90 18.29 -11.61
C TYR D 75 -17.09 17.34 -10.73
N LEU D 76 -16.43 16.39 -11.39
CA LEU D 76 -15.41 15.53 -10.76
C LEU D 76 -14.05 15.94 -11.32
N SER D 77 -13.22 16.58 -10.48
CA SER D 77 -11.92 17.02 -10.92
C SER D 77 -10.93 15.89 -10.62
N ILE D 78 -10.14 15.54 -11.62
CA ILE D 78 -9.42 14.28 -11.54
C ILE D 78 -7.94 14.56 -11.60
N ALA D 79 -7.21 14.22 -10.54
CA ALA D 79 -5.77 14.47 -10.52
C ALA D 79 -5.00 13.26 -10.02
N SER D 80 -5.50 12.08 -10.35
CA SER D 80 -4.91 10.82 -9.98
C SER D 80 -3.89 10.42 -11.04
N PRO D 81 -3.16 9.30 -10.88
CA PRO D 81 -2.21 8.89 -11.94
C PRO D 81 -2.86 8.68 -13.31
N ASN D 82 -2.12 8.84 -14.40
CA ASN D 82 -2.73 8.90 -15.75
C ASN D 82 -3.60 7.74 -16.11
N HIS D 83 -3.13 6.56 -15.75
CA HIS D 83 -3.90 5.38 -16.09
C HIS D 83 -5.29 5.36 -15.41
N LEU D 84 -5.49 6.18 -14.38
CA LEU D 84 -6.78 6.18 -13.66
C LEU D 84 -7.74 7.23 -14.23
N HIS D 85 -7.28 8.05 -15.18
CA HIS D 85 -8.15 9.11 -15.68
C HIS D 85 -9.39 8.50 -16.32
N TYR D 86 -9.16 7.55 -17.24
CA TYR D 86 -10.28 6.98 -17.98
C TYR D 86 -11.37 6.42 -17.03
N PRO D 87 -11.01 5.51 -16.11
CA PRO D 87 -12.00 4.95 -15.20
C PRO D 87 -12.66 5.97 -14.26
N GLN D 88 -11.94 7.00 -13.85
CA GLN D 88 -12.54 8.02 -13.00
C GLN D 88 -13.49 8.92 -13.80
N ILE D 89 -13.17 9.18 -15.06
CA ILE D 89 -14.09 9.99 -15.90
C ILE D 89 -15.39 9.23 -16.06
N ARG D 90 -15.29 7.91 -16.31
CA ARG D 90 -16.43 7.01 -16.38
C ARG D 90 -17.25 7.11 -15.10
N MET D 91 -16.59 7.31 -13.96
CA MET D 91 -17.29 7.29 -12.69
C MET D 91 -18.04 8.61 -12.70
N ALA D 92 -17.39 9.67 -13.15
CA ALA D 92 -18.05 10.97 -13.19
C ALA D 92 -19.33 10.97 -14.00
N LEU D 93 -19.21 10.44 -15.22
CA LEU D 93 -20.35 10.47 -16.14
C LEU D 93 -21.48 9.61 -15.58
N ARG D 94 -21.16 8.38 -15.16
CA ARG D 94 -22.10 7.49 -14.48
C ARG D 94 -22.77 8.12 -13.22
N LEU D 95 -22.09 9.04 -12.53
CA LEU D 95 -22.73 9.78 -11.42
C LEU D 95 -23.52 11.01 -11.89
N GLY D 96 -23.56 11.27 -13.20
CA GLY D 96 -24.30 12.44 -13.65
C GLY D 96 -23.59 13.75 -13.49
N ALA D 97 -22.26 13.70 -13.40
CA ALA D 97 -21.41 14.88 -13.22
C ALA D 97 -20.65 15.04 -14.53
N ASN D 98 -20.14 16.24 -14.80
CA ASN D 98 -19.16 16.43 -15.85
C ASN D 98 -17.80 16.03 -15.26
N ALA D 99 -16.81 15.79 -16.09
CA ALA D 99 -15.44 15.56 -15.64
C ALA D 99 -14.50 16.68 -16.05
N LEU D 100 -13.54 16.98 -15.20
CA LEU D 100 -12.50 17.91 -15.60
C LEU D 100 -11.22 17.18 -15.19
N SER D 101 -10.59 16.53 -16.16
CA SER D 101 -9.44 15.66 -15.95
C SER D 101 -8.09 16.31 -16.28
N GLU D 102 -7.07 16.03 -15.47
CA GLU D 102 -5.71 16.46 -15.78
C GLU D 102 -5.30 15.79 -17.11
N LYS D 103 -4.33 16.38 -17.80
CA LYS D 103 -3.71 15.72 -18.96
C LYS D 103 -2.91 14.51 -18.48
N PRO D 104 -2.67 13.53 -19.36
CA PRO D 104 -3.38 13.45 -20.64
C PRO D 104 -4.77 13.02 -20.22
N LEU D 105 -5.78 13.41 -21.00
CA LEU D 105 -7.18 13.17 -20.64
C LEU D 105 -7.37 11.67 -20.47
N VAL D 106 -6.89 10.85 -21.40
CA VAL D 106 -6.83 9.40 -21.24
C VAL D 106 -5.56 8.98 -21.93
N LEU D 107 -5.20 7.70 -21.83
CA LEU D 107 -4.00 7.19 -22.47
C LEU D 107 -4.21 6.67 -23.88
N TRP D 108 -5.42 6.27 -24.26
CA TRP D 108 -5.62 5.67 -25.59
C TRP D 108 -6.76 6.24 -26.40
N PRO D 109 -6.53 6.35 -27.72
CA PRO D 109 -7.51 6.81 -28.69
C PRO D 109 -8.82 6.10 -28.56
N GLU D 110 -8.81 4.77 -28.46
CA GLU D 110 -10.08 4.09 -28.24
C GLU D 110 -10.86 4.50 -26.99
N GLU D 111 -10.19 4.93 -25.94
CA GLU D 111 -10.95 5.46 -24.81
C GLU D 111 -11.66 6.77 -25.14
N ILE D 112 -11.06 7.60 -25.98
CA ILE D 112 -11.74 8.83 -26.44
C ILE D 112 -13.08 8.50 -27.11
N ALA D 113 -13.07 7.51 -28.00
CA ALA D 113 -14.29 7.19 -28.71
C ALA D 113 -15.39 6.73 -27.75
N ARG D 114 -15.03 5.97 -26.72
CA ARG D 114 -16.01 5.43 -25.78
C ARG D 114 -16.57 6.52 -24.87
N LEU D 115 -15.71 7.42 -24.41
CA LEU D 115 -16.22 8.64 -23.79
C LEU D 115 -17.22 9.50 -24.60
N LYS D 116 -16.94 9.69 -25.88
CA LYS D 116 -17.86 10.38 -26.76
C LYS D 116 -19.22 9.70 -26.79
N GLU D 117 -19.27 8.37 -26.89
CA GLU D 117 -20.57 7.73 -26.67
C GLU D 117 -21.24 7.96 -25.30
N LEU D 118 -20.46 7.87 -24.22
CA LEU D 118 -21.04 8.10 -22.89
C LEU D 118 -21.57 9.53 -22.66
N GLU D 119 -20.88 10.51 -23.23
CA GLU D 119 -21.37 11.88 -23.19
C GLU D 119 -22.80 11.99 -23.76
N ALA D 120 -23.08 11.28 -24.86
CA ALA D 120 -24.36 11.42 -25.56
C ALA D 120 -25.45 10.74 -24.74
N ARG D 121 -25.12 9.58 -24.17
CA ARG D 121 -26.04 8.82 -23.35
C ARG D 121 -26.43 9.61 -22.13
N THR D 122 -25.55 10.46 -21.64
CA THR D 122 -25.63 10.94 -20.28
C THR D 122 -26.02 12.42 -20.28
N GLY D 123 -25.79 13.07 -21.41
CA GLY D 123 -25.90 14.55 -21.43
C GLY D 123 -24.86 15.27 -20.58
N ARG D 124 -23.83 14.55 -20.18
CA ARG D 124 -22.75 15.19 -19.43
C ARG D 124 -21.50 15.27 -20.31
N ARG D 125 -20.51 16.05 -19.90
CA ARG D 125 -19.34 16.38 -20.76
C ARG D 125 -18.02 16.11 -20.05
N VAL D 126 -17.00 15.78 -20.84
CA VAL D 126 -15.65 15.46 -20.33
C VAL D 126 -14.76 16.62 -20.77
N TYR D 127 -14.16 17.31 -19.82
CA TYR D 127 -13.19 18.35 -20.15
C TYR D 127 -11.82 18.01 -19.60
N THR D 128 -10.82 18.77 -20.01
CA THR D 128 -9.46 18.43 -19.64
C THR D 128 -8.70 19.71 -19.39
N VAL D 129 -7.62 19.63 -18.60
CA VAL D 129 -6.84 20.79 -18.25
C VAL D 129 -5.66 20.86 -19.23
N LEU D 130 -5.69 21.81 -20.14
CA LEU D 130 -4.54 22.06 -21.03
C LEU D 130 -4.12 23.52 -20.87
N GLN D 131 -3.47 23.84 -19.77
CA GLN D 131 -3.13 25.23 -19.46
C GLN D 131 -2.23 25.95 -20.48
N LEU D 132 -1.40 25.23 -21.23
CA LEU D 132 -0.55 25.85 -22.23
C LEU D 132 -1.44 26.57 -23.21
N ARG D 133 -2.70 26.15 -23.29
CA ARG D 133 -3.62 26.81 -24.20
C ARG D 133 -4.13 28.12 -23.65
N VAL D 134 -3.85 28.40 -22.37
CA VAL D 134 -4.30 29.66 -21.82
C VAL D 134 -3.14 30.59 -21.48
N HIS D 135 -1.93 30.07 -21.54
CA HIS D 135 -0.70 30.85 -21.33
C HIS D 135 -0.68 32.05 -22.27
N PRO D 136 -0.72 33.28 -21.73
CA PRO D 136 -0.76 34.46 -22.59
C PRO D 136 0.36 34.56 -23.64
N SER D 137 1.58 34.11 -23.31
CA SER D 137 2.64 34.06 -24.32
C SER D 137 2.43 33.05 -25.45
N LEU D 138 1.65 31.99 -25.24
CA LEU D 138 1.33 31.05 -26.33
C LEU D 138 0.03 31.45 -27.05
N LEU D 139 -0.91 32.01 -26.33
CA LEU D 139 -2.06 32.61 -27.00
C LEU D 139 -1.57 33.74 -27.91
N ALA D 140 -0.44 34.37 -27.58
CA ALA D 140 0.00 35.46 -28.45
C ALA D 140 0.83 34.96 -29.63
N LEU D 141 1.57 33.87 -29.43
CA LEU D 141 2.25 33.21 -30.54
C LEU D 141 1.15 32.79 -31.51
N LYS D 142 0.09 32.17 -31.02
CA LYS D 142 -0.94 31.68 -31.94
C LYS D 142 -1.54 32.81 -32.75
N GLU D 143 -1.61 33.99 -32.14
CA GLU D 143 -2.12 35.21 -32.74
C GLU D 143 -1.29 35.56 -33.97
N ARG D 144 -0.09 36.06 -33.73
CA ARG D 144 0.87 36.33 -34.79
C ARG D 144 0.76 35.27 -35.87
N LEU D 145 0.62 34.01 -35.47
CA LEU D 145 0.66 32.90 -36.42
C LEU D 145 -0.40 32.95 -37.50
N GLY D 146 -1.67 32.96 -37.10
CA GLY D 146 -2.78 32.93 -38.05
C GLY D 146 -2.93 34.13 -38.97
N GLN D 147 -1.92 35.00 -38.99
CA GLN D 147 -1.90 36.14 -39.91
C GLN D 147 -0.83 35.93 -40.97
N GLU D 148 -0.57 34.66 -41.27
CA GLU D 148 0.25 34.21 -42.39
C GLU D 148 0.02 32.71 -42.56
N LYS D 149 0.02 32.20 -43.79
CA LYS D 149 0.00 30.76 -43.99
C LYS D 149 1.35 30.25 -44.51
N GLY D 150 1.43 28.97 -44.83
CA GLY D 150 2.71 28.36 -45.21
C GLY D 150 3.34 27.61 -44.05
N ALA D 151 3.81 26.40 -44.32
CA ALA D 151 4.41 25.56 -43.28
C ALA D 151 5.48 26.28 -42.44
N LYS D 152 5.43 26.14 -41.11
CA LYS D 152 6.50 26.58 -40.22
C LYS D 152 7.56 25.50 -39.96
N ASP D 153 8.75 25.96 -39.56
CA ASP D 153 9.88 25.12 -39.21
C ASP D 153 10.07 25.31 -37.69
N VAL D 154 9.91 24.25 -36.91
CA VAL D 154 9.77 24.36 -35.45
C VAL D 154 10.77 23.49 -34.74
N VAL D 155 11.33 24.04 -33.68
CA VAL D 155 12.25 23.26 -32.82
C VAL D 155 11.72 23.42 -31.40
N LEU D 156 11.40 22.30 -30.76
CA LEU D 156 10.77 22.21 -29.45
C LEU D 156 11.77 21.51 -28.51
N THR D 157 12.14 22.19 -27.43
CA THR D 157 13.06 21.56 -26.46
C THR D 157 12.39 21.65 -25.10
N TYR D 158 12.34 20.57 -24.32
CA TYR D 158 11.49 20.62 -23.10
C TYR D 158 12.28 19.80 -22.12
N VAL D 159 13.00 20.46 -21.23
CA VAL D 159 13.89 19.76 -20.30
C VAL D 159 13.32 20.13 -18.93
N THR D 160 12.80 19.15 -18.20
CA THR D 160 12.11 19.43 -16.94
C THR D 160 12.84 18.57 -15.91
N GLY D 161 13.91 19.12 -15.32
CA GLY D 161 14.79 18.37 -14.44
C GLY D 161 14.09 17.75 -13.23
N ARG D 162 14.43 16.51 -12.91
CA ARG D 162 13.86 15.77 -11.78
C ARG D 162 14.95 15.02 -11.01
N GLY D 163 14.96 15.09 -9.69
CA GLY D 163 15.97 14.32 -8.96
C GLY D 163 15.62 12.85 -8.89
N LYS D 164 16.35 12.13 -8.06
CA LYS D 164 16.28 10.69 -8.00
C LYS D 164 14.92 10.12 -7.60
N TRP D 165 14.14 10.88 -6.80
CA TRP D 165 12.81 10.43 -6.39
C TRP D 165 11.98 10.07 -7.62
N TYR D 166 12.17 10.76 -8.75
CA TYR D 166 11.27 10.53 -9.92
C TYR D 166 11.30 9.07 -10.30
N GLY D 167 12.47 8.41 -10.23
CA GLY D 167 12.52 7.02 -10.67
C GLY D 167 11.84 6.01 -9.79
N LYS D 168 11.30 6.47 -8.67
CA LYS D 168 10.57 5.56 -7.80
C LYS D 168 9.09 5.86 -7.88
N SER D 169 8.71 6.80 -8.73
CA SER D 169 7.33 7.24 -8.85
C SER D 169 6.53 6.57 -10.00
N TRP D 170 5.20 6.46 -9.91
CA TRP D 170 4.39 5.92 -11.00
C TRP D 170 4.71 6.64 -12.29
N LYS D 171 5.30 7.82 -12.19
CA LYS D 171 5.50 8.66 -13.36
C LYS D 171 6.47 8.02 -14.36
N VAL D 172 7.39 7.15 -13.92
CA VAL D 172 8.22 6.37 -14.85
C VAL D 172 7.70 4.95 -15.13
N ASP D 173 6.56 4.54 -14.58
CA ASP D 173 5.98 3.23 -14.92
C ASP D 173 5.09 3.41 -16.15
N GLU D 174 5.57 2.95 -17.31
CA GLU D 174 4.88 3.20 -18.57
C GLU D 174 3.41 2.77 -18.54
N ALA D 175 3.06 1.64 -17.93
CA ALA D 175 1.63 1.30 -17.80
C ALA D 175 0.80 2.32 -17.01
N LYS D 176 1.41 3.08 -16.12
CA LYS D 176 0.60 4.00 -15.32
C LYS D 176 0.69 5.36 -15.98
N SER D 177 1.85 5.72 -16.48
CA SER D 177 2.07 7.12 -16.88
C SER D 177 1.96 7.25 -18.41
N GLY D 178 2.08 6.15 -19.14
CA GLY D 178 2.20 6.25 -20.59
C GLY D 178 3.60 6.55 -21.14
N GLY D 179 4.56 6.76 -20.24
CA GLY D 179 5.95 6.97 -20.67
C GLY D 179 6.21 8.45 -20.65
N LEU D 180 7.47 8.79 -20.74
CA LEU D 180 7.94 10.17 -20.73
C LEU D 180 7.31 11.09 -21.77
N ALA D 181 7.28 10.67 -23.03
CA ALA D 181 6.63 11.47 -24.06
C ALA D 181 5.15 11.72 -23.71
N THR D 182 4.48 10.77 -23.08
CA THR D 182 3.07 11.04 -22.69
C THR D 182 3.06 11.94 -21.46
N ASN D 183 3.59 11.44 -20.35
CA ASN D 183 3.40 12.14 -19.07
C ASN D 183 3.90 13.57 -19.06
N ILE D 184 5.14 13.79 -19.47
CA ILE D 184 5.50 15.18 -19.73
C ILE D 184 5.10 15.65 -21.14
N GLY D 185 5.47 14.90 -22.18
CA GLY D 185 5.22 15.32 -23.57
C GLY D 185 3.84 15.83 -23.97
N ILE D 186 2.78 15.28 -23.39
CA ILE D 186 1.47 15.55 -23.92
C ILE D 186 1.23 17.07 -24.00
N HIS D 187 1.78 17.84 -23.07
CA HIS D 187 1.49 19.28 -23.16
C HIS D 187 1.94 19.92 -24.49
N PHE D 188 3.14 19.57 -24.94
CA PHE D 188 3.71 20.19 -26.15
C PHE D 188 3.13 19.56 -27.42
N PHE D 189 2.81 18.27 -27.35
CA PHE D 189 2.15 17.65 -28.50
C PHE D 189 0.81 18.29 -28.67
N ASP D 190 0.22 18.77 -27.58
CA ASP D 190 -1.11 19.34 -27.68
C ASP D 190 -1.00 20.78 -28.16
N LEU D 191 -0.04 21.49 -27.58
CA LEU D 191 0.34 22.83 -28.02
C LEU D 191 0.56 22.78 -29.55
N LEU D 192 1.39 21.84 -30.01
CA LEU D 192 1.61 21.75 -31.45
C LEU D 192 0.42 21.42 -32.35
N ALA D 193 -0.44 20.50 -31.90
CA ALA D 193 -1.67 20.16 -32.61
C ALA D 193 -2.60 21.35 -32.69
N TRP D 194 -2.67 22.10 -31.59
CA TRP D 194 -3.46 23.30 -31.50
C TRP D 194 -2.92 24.38 -32.45
N LEU D 195 -1.61 24.54 -32.56
CA LEU D 195 -1.02 25.59 -33.40
C LEU D 195 -1.02 25.19 -34.88
N PHE D 196 -0.84 23.90 -35.19
CA PHE D 196 -0.43 23.43 -36.52
C PHE D 196 -1.22 22.27 -37.10
N GLY D 197 -2.14 21.72 -36.33
CA GLY D 197 -3.07 20.68 -36.80
C GLY D 197 -2.61 19.25 -36.70
N ARG D 198 -3.17 18.38 -37.55
CA ARG D 198 -2.89 16.96 -37.43
C ARG D 198 -1.46 16.56 -37.84
N ALA D 199 -0.92 15.57 -37.13
CA ALA D 199 0.37 14.95 -37.44
C ALA D 199 0.20 13.99 -38.60
N LEU D 200 0.95 14.23 -39.65
CA LEU D 200 0.86 13.40 -40.84
C LEU D 200 1.95 12.36 -40.89
N HIS D 201 3.04 12.62 -40.17
CA HIS D 201 4.16 11.69 -40.16
C HIS D 201 4.80 11.83 -38.78
N VAL D 202 5.19 10.72 -38.16
CA VAL D 202 5.71 10.73 -36.79
C VAL D 202 6.97 9.88 -36.76
N GLU D 203 8.08 10.37 -36.18
CA GLU D 203 9.21 9.47 -35.94
C GLU D 203 9.76 9.67 -34.53
N VAL D 204 10.33 8.59 -33.99
CA VAL D 204 11.02 8.61 -32.70
C VAL D 204 12.49 8.27 -32.91
N HIS D 205 13.40 9.16 -32.52
CA HIS D 205 14.82 8.88 -32.64
C HIS D 205 15.53 8.44 -31.36
N ALA D 206 15.04 8.83 -30.19
CA ALA D 206 15.58 8.29 -28.93
C ALA D 206 14.43 8.10 -27.96
N ARG D 207 14.50 7.02 -27.20
CA ARG D 207 13.52 6.69 -26.21
C ARG D 207 14.32 6.00 -25.11
N THR D 208 14.81 6.76 -24.13
CA THR D 208 15.55 6.22 -22.98
C THR D 208 14.84 6.62 -21.69
N PRO D 209 15.36 6.15 -20.54
CA PRO D 209 14.52 6.45 -19.38
C PRO D 209 14.54 7.96 -19.06
N THR D 210 15.54 8.66 -19.58
CA THR D 210 15.67 10.09 -19.35
C THR D 210 15.43 11.02 -20.56
N VAL D 211 15.35 10.44 -21.76
CA VAL D 211 15.26 11.24 -22.99
C VAL D 211 14.26 10.66 -23.99
N ASN D 212 13.47 11.49 -24.63
CA ASN D 212 12.69 11.04 -25.79
C ASN D 212 12.92 12.17 -26.77
N ALA D 213 13.15 11.82 -28.02
CA ALA D 213 13.39 12.84 -29.02
C ALA D 213 12.84 12.34 -30.35
N GLY D 214 12.41 13.25 -31.21
CA GLY D 214 12.01 12.78 -32.55
C GLY D 214 11.66 13.87 -33.53
N TYR D 215 10.74 13.56 -34.44
CA TYR D 215 10.40 14.48 -35.54
C TYR D 215 8.95 14.21 -35.93
N LEU D 216 8.22 15.30 -36.14
CA LEU D 216 6.82 15.30 -36.57
C LEU D 216 6.66 16.13 -37.83
N GLU D 217 5.76 15.69 -38.71
CA GLU D 217 5.22 16.60 -39.73
C GLU D 217 3.73 16.77 -39.56
N LEU D 218 3.30 18.02 -39.41
CA LEU D 218 1.93 18.31 -39.08
C LEU D 218 1.36 19.02 -40.31
N GLU D 219 0.05 19.17 -40.41
CA GLU D 219 -0.54 20.02 -41.44
C GLU D 219 0.22 21.32 -41.60
N GLY D 220 0.54 22.03 -40.52
CA GLY D 220 1.12 23.38 -40.66
C GLY D 220 2.58 23.63 -40.28
N ALA D 221 3.32 22.57 -39.95
CA ALA D 221 4.70 22.78 -39.50
C ALA D 221 5.41 21.45 -39.54
N ARG D 222 6.73 21.49 -39.66
CA ARG D 222 7.59 20.36 -39.30
C ARG D 222 8.23 20.72 -37.95
N VAL D 223 8.46 19.70 -37.13
CA VAL D 223 8.86 19.94 -35.75
C VAL D 223 9.94 18.95 -35.36
N ARG D 224 11.09 19.46 -34.95
CA ARG D 224 12.07 18.54 -34.39
C ARG D 224 11.91 18.72 -32.86
N TRP D 225 11.82 17.62 -32.12
CA TRP D 225 11.53 17.80 -30.67
C TRP D 225 12.43 16.96 -29.79
N PHE D 226 12.64 17.45 -28.56
CA PHE D 226 13.57 16.81 -27.62
C PHE D 226 12.98 16.95 -26.22
N LEU D 227 12.82 15.85 -25.50
CA LEU D 227 12.27 15.97 -24.14
C LEU D 227 13.17 15.21 -23.17
N SER D 228 13.52 15.81 -22.02
CA SER D 228 14.33 15.10 -21.03
C SER D 228 13.94 15.43 -19.60
N ILE D 229 14.09 14.46 -18.69
CA ILE D 229 13.95 14.78 -17.26
C ILE D 229 15.34 14.87 -16.63
N ASP D 230 16.37 14.70 -17.44
CA ASP D 230 17.72 14.99 -16.96
C ASP D 230 18.16 16.46 -17.10
N PRO D 231 18.30 17.18 -15.96
CA PRO D 231 18.55 18.63 -15.81
C PRO D 231 19.84 19.07 -16.52
N SER D 232 20.78 18.15 -16.69
CA SER D 232 22.01 18.46 -17.40
C SER D 232 21.81 18.81 -18.88
N PHE D 233 20.58 18.75 -19.39
CA PHE D 233 20.36 19.15 -20.77
C PHE D 233 19.90 20.60 -20.78
N VAL D 234 19.62 21.18 -19.62
CA VAL D 234 19.50 22.65 -19.59
C VAL D 234 20.80 23.20 -20.19
N PRO D 235 20.71 24.10 -21.18
CA PRO D 235 21.89 24.60 -21.90
C PRO D 235 22.94 25.12 -20.93
N GLU D 236 24.21 24.84 -21.15
CA GLU D 236 25.24 25.17 -20.16
C GLU D 236 25.27 26.60 -19.62
N PRO D 237 24.71 27.56 -20.39
CA PRO D 237 24.56 28.88 -19.78
C PRO D 237 23.61 28.86 -18.58
N LEU D 238 22.37 28.46 -18.79
CA LEU D 238 21.40 28.41 -17.70
C LEU D 238 21.74 27.37 -16.65
N ARG D 239 22.65 26.47 -16.99
CA ARG D 239 23.04 25.37 -16.11
C ARG D 239 24.01 25.88 -15.04
N ARG D 240 25.21 26.29 -15.47
CA ARG D 240 26.24 26.72 -14.54
C ARG D 240 25.69 27.63 -13.43
N GLN D 241 24.43 28.08 -13.59
CA GLN D 241 23.72 28.79 -12.53
C GLN D 241 22.60 28.01 -11.84
N GLY D 242 22.62 26.68 -11.99
CA GLY D 242 21.65 25.81 -11.33
C GLY D 242 20.19 26.09 -11.65
N LYS D 243 19.87 26.35 -12.91
CA LYS D 243 18.47 26.31 -13.33
C LYS D 243 18.20 24.85 -13.72
N ARG D 244 16.97 24.38 -13.53
CA ARG D 244 16.78 22.96 -13.79
C ARG D 244 15.62 22.62 -14.74
N THR D 245 14.86 23.63 -15.14
CA THR D 245 13.81 23.51 -16.16
C THR D 245 14.02 24.48 -17.32
N TYR D 246 13.87 23.98 -18.55
CA TYR D 246 13.97 24.80 -19.74
C TYR D 246 12.91 24.41 -20.79
N ARG D 247 11.96 25.29 -21.09
CA ARG D 247 10.87 25.05 -22.07
C ARG D 247 10.82 26.07 -23.21
N SER D 248 11.28 25.65 -24.39
CA SER D 248 11.39 26.51 -25.58
C SER D 248 10.79 25.92 -26.85
N ILE D 249 10.04 26.76 -27.55
CA ILE D 249 9.58 26.47 -28.91
C ILE D 249 10.11 27.59 -29.80
N ALA D 250 10.96 27.22 -30.74
CA ALA D 250 11.45 28.20 -31.74
C ALA D 250 10.71 27.98 -33.06
N VAL D 251 10.12 29.02 -33.63
CA VAL D 251 9.33 28.86 -34.87
C VAL D 251 9.98 29.71 -35.95
N ASP D 252 10.66 29.04 -36.88
CA ASP D 252 11.48 29.72 -37.88
C ASP D 252 12.46 30.69 -37.23
N GLY D 253 13.34 30.24 -36.33
CA GLY D 253 14.32 31.12 -35.68
C GLY D 253 13.93 32.02 -34.51
N GLU D 254 12.65 32.40 -34.41
CA GLU D 254 12.18 33.16 -33.27
C GLU D 254 11.75 32.26 -32.10
N GLU D 255 12.32 32.46 -30.90
CA GLU D 255 12.04 31.72 -29.67
C GLU D 255 11.04 32.32 -28.69
N VAL D 256 10.01 31.56 -28.30
CA VAL D 256 9.19 31.89 -27.12
C VAL D 256 9.61 30.94 -25.99
N GLU D 257 9.86 31.46 -24.79
CA GLU D 257 10.20 30.58 -23.66
C GLU D 257 9.09 30.52 -22.61
N PHE D 258 8.74 29.32 -22.17
CA PHE D 258 7.70 29.14 -21.15
C PHE D 258 8.18 28.20 -20.03
N SER D 259 9.35 28.52 -19.47
CA SER D 259 9.88 27.80 -18.31
C SER D 259 9.17 28.16 -17.00
N GLU D 260 8.71 29.39 -16.84
CA GLU D 260 8.17 29.79 -15.54
C GLU D 260 6.75 30.37 -15.55
N GLY D 261 5.83 29.69 -14.87
CA GLY D 261 4.43 30.11 -14.79
C GLY D 261 4.26 31.61 -14.83
N ASP D 264 -1.46 30.74 -11.89
CA ASP D 264 -2.92 30.80 -11.94
C ASP D 264 -3.56 30.27 -13.24
N LEU D 265 -2.79 29.58 -14.10
CA LEU D 265 -3.37 29.08 -15.36
C LEU D 265 -4.45 28.02 -15.10
N HIS D 266 -4.29 27.20 -14.07
CA HIS D 266 -5.37 26.27 -13.72
C HIS D 266 -6.73 26.95 -13.44
N THR D 267 -6.71 28.05 -12.70
CA THR D 267 -7.97 28.78 -12.53
C THR D 267 -8.60 29.26 -13.83
N GLU D 268 -7.77 29.77 -14.75
CA GLU D 268 -8.29 30.24 -16.03
C GLU D 268 -8.97 29.09 -16.74
N VAL D 269 -8.35 27.92 -16.69
CA VAL D 269 -8.95 26.74 -17.31
C VAL D 269 -10.29 26.39 -16.66
N TYR D 270 -10.35 26.29 -15.35
CA TYR D 270 -11.65 26.11 -14.73
C TYR D 270 -12.63 27.21 -15.14
N ARG D 271 -12.20 28.47 -15.15
CA ARG D 271 -13.14 29.51 -15.55
C ARG D 271 -13.72 29.23 -16.93
N LYS D 272 -12.86 29.00 -17.92
CA LYS D 272 -13.34 28.78 -19.28
C LYS D 272 -14.18 27.53 -19.26
N THR D 273 -13.79 26.52 -18.49
CA THR D 273 -14.64 25.31 -18.50
C THR D 273 -16.02 25.65 -17.97
N LEU D 274 -16.13 26.52 -16.99
CA LEU D 274 -17.47 26.61 -16.41
C LEU D 274 -18.22 27.57 -17.33
N ALA D 275 -17.49 28.43 -18.05
CA ALA D 275 -18.10 29.38 -18.97
C ALA D 275 -18.47 28.77 -20.32
N GLY D 276 -18.39 27.45 -20.43
CA GLY D 276 -18.79 26.71 -21.62
C GLY D 276 -17.73 26.72 -22.72
N GLU D 277 -16.52 27.13 -22.38
CA GLU D 277 -15.43 27.28 -23.33
C GLU D 277 -14.23 26.39 -22.99
N GLY D 278 -14.48 25.19 -22.45
CA GLY D 278 -13.41 24.35 -21.94
C GLY D 278 -12.95 23.43 -23.05
N PHE D 279 -11.93 22.64 -22.77
CA PHE D 279 -11.27 21.84 -23.77
C PHE D 279 -11.86 20.44 -23.70
N GLY D 280 -12.59 20.02 -24.73
CA GLY D 280 -13.32 18.74 -24.69
C GLY D 280 -12.58 17.61 -25.35
N LEU D 281 -13.27 16.50 -25.57
CA LEU D 281 -12.69 15.38 -26.24
C LEU D 281 -12.17 15.74 -27.63
N ASP D 282 -12.92 16.53 -28.39
CA ASP D 282 -12.51 16.90 -29.76
C ASP D 282 -11.13 17.56 -29.71
N GLU D 283 -10.98 18.47 -28.75
CA GLU D 283 -9.78 19.29 -28.62
C GLU D 283 -8.66 18.39 -28.17
N ALA D 284 -8.94 17.48 -27.24
CA ALA D 284 -7.85 16.73 -26.61
C ALA D 284 -7.38 15.59 -27.47
N ALA D 285 -8.20 15.15 -28.42
CA ALA D 285 -7.97 13.85 -29.09
C ALA D 285 -6.67 13.71 -29.90
N GLU D 286 -6.28 14.78 -30.60
CA GLU D 286 -5.14 14.67 -31.51
C GLU D 286 -3.83 14.41 -30.75
N ALA D 287 -3.60 15.13 -29.66
CA ALA D 287 -2.36 14.92 -28.91
C ALA D 287 -2.36 13.50 -28.35
N ILE D 288 -3.55 13.07 -27.94
CA ILE D 288 -3.59 11.72 -27.39
C ILE D 288 -3.22 10.70 -28.46
N ARG D 289 -3.76 10.84 -29.68
CA ARG D 289 -3.39 9.94 -30.77
C ARG D 289 -1.88 9.95 -30.99
N VAL D 290 -1.28 11.12 -31.02
CA VAL D 290 0.18 11.16 -31.28
C VAL D 290 0.96 10.58 -30.15
N ALA D 291 0.59 10.92 -28.91
CA ALA D 291 1.34 10.35 -27.80
C ALA D 291 1.22 8.82 -27.85
N ALA D 292 0.04 8.30 -28.14
CA ALA D 292 -0.06 6.86 -28.19
C ALA D 292 0.87 6.27 -29.26
N LEU D 293 0.91 6.89 -30.44
CA LEU D 293 1.81 6.38 -31.51
C LEU D 293 3.28 6.31 -31.05
N LEU D 294 3.74 7.36 -30.38
CA LEU D 294 5.12 7.46 -29.89
C LEU D 294 5.49 6.55 -28.74
N ARG D 295 4.49 6.04 -28.02
CA ARG D 295 4.85 5.20 -26.89
C ARG D 295 5.12 3.84 -27.53
N THR D 296 4.69 3.70 -28.78
CA THR D 296 4.69 2.38 -29.43
C THR D 296 5.44 2.17 -30.78
N LEU D 297 5.76 3.24 -31.48
CA LEU D 297 6.53 3.17 -32.75
C LEU D 297 7.95 2.65 -32.56
N PRO D 298 8.49 1.89 -33.52
CA PRO D 298 9.88 1.49 -33.29
C PRO D 298 10.82 2.68 -33.53
N LEU D 299 11.99 2.68 -32.90
CA LEU D 299 12.96 3.75 -33.14
C LEU D 299 13.44 3.66 -34.58
N SER D 300 14.02 4.76 -35.06
CA SER D 300 14.47 4.87 -36.43
C SER D 300 15.64 5.86 -36.42
N GLN D 301 16.53 5.77 -37.41
CA GLN D 301 17.68 6.68 -37.47
C GLN D 301 17.31 7.97 -38.20
N PRO D 302 17.52 9.12 -37.56
CA PRO D 302 17.07 10.34 -38.23
C PRO D 302 18.01 10.66 -39.37
N SER D 303 17.47 11.20 -40.45
CA SER D 303 18.26 11.97 -41.41
C SER D 303 18.77 13.19 -40.66
N PRO D 304 19.96 13.68 -41.03
CA PRO D 304 20.51 14.85 -40.35
C PRO D 304 19.54 16.01 -40.25
N GLU D 305 18.78 16.27 -41.32
CA GLU D 305 18.00 17.50 -41.34
C GLU D 305 16.76 17.28 -40.46
N ASN D 306 16.49 16.05 -40.04
CA ASN D 306 15.31 15.82 -39.24
C ASN D 306 15.65 15.60 -37.77
N ARG D 307 16.90 15.79 -37.38
CA ARG D 307 17.32 15.35 -36.06
C ARG D 307 17.43 16.57 -35.14
N HIS D 308 16.81 16.52 -33.97
CA HIS D 308 16.88 17.64 -33.01
C HIS D 308 18.36 17.91 -32.66
N PRO D 309 18.76 19.20 -32.63
CA PRO D 309 20.14 19.59 -32.34
C PRO D 309 20.72 18.87 -31.13
N PHE D 310 19.98 18.83 -30.03
CA PHE D 310 20.50 18.22 -28.81
C PHE D 310 20.84 16.73 -28.93
N LEU D 311 20.57 16.09 -30.07
CA LEU D 311 20.90 14.69 -30.27
C LEU D 311 22.30 14.47 -30.80
#